data_2XFO
#
_entry.id   2XFO
#
_cell.length_a   130.546
_cell.length_b   221.863
_cell.length_c   86.033
_cell.angle_alpha   90.00
_cell.angle_beta   90.00
_cell.angle_gamma   90.00
#
_symmetry.space_group_name_H-M   'C 2 2 2'
#
loop_
_entity.id
_entity.type
_entity.pdbx_description
1 polymer 'Amine oxidase [flavin-containing] B'
2 non-polymer '[[(2R,3S,4S)-5-[(4AS)-7,8-DIMETHYL-2,4-DIOXO-4A,5-DIHYDROBENZO[G]PTERIDIN-10-YL]-2,3,4-TRIHYDROXY-PENTOXY]-HYDROXY-PHOSPHORYL] [(2R,3S,4R,5R)-5-(6-AMINOPURIN-9-YL)-3,4-DIHYDROXY-OXOLAN-2-YL]METHYL HYDROGEN PHOSPHATE'
3 non-polymer 3-PHENYLPROPANAL
4 non-polymer 2-(2-BENZOFURANYL)-2-IMIDAZOLINE
5 non-polymer 'FLAVIN-ADENINE DINUCLEOTIDE'
6 water water
#
_entity_poly.entity_id   1
_entity_poly.type   'polypeptide(L)'
_entity_poly.pdbx_seq_one_letter_code
;MSNKCDVVVVGGGISGMAAAKLLHDSGLNVVVLEARDRVGGRTYTLRNQKVKYVDLGGSYVGPTQNRILRLAKELGLETY
KVNEVERLIHHVKGKSYPFRGPFPPVWNPITYLDHNNFWRTMDDMGREIPSDAPWKAPLAEEWDNMTMKELLDKLCWTES
AKQLATLFVNLCVTAETHEVSALWFLWYVKQCGGTTRIASTTNGGQERKFVGGSGQVSERIMDLLGDRVKLERPVIYIDQ
TRENVLVETLNHEMYEAKYVISAIPPTLGMKIHFNPPLPMMRNQMITRVPLGSVIKCIVYYKEPFWRKKDYCGTMIIDGE
EAPVAYTLDDTKPEGNYAAIMGFILAHKARKLARLTKEERLKKLCELYAKVLGSLEALEPVHYEEKNWCEEQYSGGCYTT
YFPPGILTQYGRVLRQPVDRIYFAGTETATHWSGYMEGAVEAGERAAREILHAMGKIPEDEIWQSEPESVDVPAQPITTT
FLERHLPSVPGLLRLIGLTTIFSATALGFLAHKRGLLVRV
;
_entity_poly.pdbx_strand_id   A,B
#
loop_
_chem_comp.id
_chem_comp.type
_chem_comp.name
_chem_comp.formula
3PL non-polymer 3-PHENYLPROPANAL 'C9 H10 O'
FA8 non-polymer '[[(2R,3S,4S)-5-[(4AS)-7,8-DIMETHYL-2,4-DIOXO-4A,5-DIHYDROBENZO[G]PTERIDIN-10-YL]-2,3,4-TRIHYDROXY-PENTOXY]-HYDROXY-PHOSPHORYL] [(2R,3S,4R,5R)-5-(6-AMINOPURIN-9-YL)-3,4-DIHYDROXY-OXOLAN-2-YL]METHYL HYDROGEN PHOSPHATE' 'C27 H35 N9 O15 P2'
FAD non-polymer 'FLAVIN-ADENINE DINUCLEOTIDE' 'C27 H33 N9 O15 P2'
XCG non-polymer 2-(2-BENZOFURANYL)-2-IMIDAZOLINE 'C11 H8 N2 O'
#
# COMPACT_ATOMS: atom_id res chain seq x y z
N ASN A 3 20.81 -11.59 25.38
CA ASN A 3 20.77 -13.00 24.83
C ASN A 3 19.49 -13.80 25.15
N LYS A 4 19.40 -14.53 26.28
CA LYS A 4 18.21 -15.39 26.53
C LYS A 4 17.19 -14.76 27.46
N CYS A 5 15.92 -14.89 27.11
CA CYS A 5 14.81 -14.43 27.94
C CYS A 5 13.55 -15.19 27.56
N ASP A 6 12.45 -14.89 28.25
CA ASP A 6 11.16 -15.47 27.95
C ASP A 6 10.52 -14.86 26.68
N VAL A 7 10.62 -13.53 26.52
CA VAL A 7 9.85 -12.84 25.45
C VAL A 7 10.61 -11.64 24.98
N VAL A 8 10.86 -11.60 23.67
CA VAL A 8 11.45 -10.43 23.08
C VAL A 8 10.29 -9.61 22.57
N VAL A 9 10.29 -8.34 22.99
CA VAL A 9 9.35 -7.34 22.50
C VAL A 9 10.06 -6.45 21.48
N VAL A 10 9.56 -6.43 20.25
CA VAL A 10 10.13 -5.61 19.20
C VAL A 10 9.36 -4.28 19.14
N GLY A 11 10.04 -3.19 19.49
CA GLY A 11 9.40 -1.87 19.50
C GLY A 11 9.23 -1.38 20.92
N GLY A 12 9.74 -0.18 21.23
CA GLY A 12 9.49 0.47 22.51
C GLY A 12 8.59 1.69 22.41
N GLY A 13 7.55 1.59 21.58
CA GLY A 13 6.46 2.56 21.61
C GLY A 13 5.59 2.19 22.79
N ILE A 14 4.45 2.90 22.94
CA ILE A 14 3.52 2.62 24.02
C ILE A 14 3.01 1.17 24.03
N SER A 15 2.63 0.65 22.87
CA SER A 15 2.24 -0.75 22.75
C SER A 15 3.25 -1.79 23.30
N GLY A 16 4.51 -1.67 22.91
CA GLY A 16 5.56 -2.61 23.32
C GLY A 16 5.95 -2.39 24.77
N MET A 17 5.93 -1.13 25.20
CA MET A 17 6.23 -0.82 26.58
C MET A 17 5.16 -1.37 27.52
N ALA A 18 3.88 -1.22 27.15
CA ALA A 18 2.74 -1.76 27.94
C ALA A 18 2.74 -3.30 27.97
N ALA A 19 3.11 -3.91 26.86
CA ALA A 19 3.28 -5.36 26.76
C ALA A 19 4.39 -5.83 27.68
N ALA A 20 5.56 -5.23 27.52
CA ALA A 20 6.71 -5.55 28.33
C ALA A 20 6.37 -5.42 29.79
N LYS A 21 5.77 -4.30 30.18
CA LYS A 21 5.38 -4.07 31.57
C LYS A 21 4.45 -5.15 32.15
N LEU A 22 3.42 -5.52 31.41
CA LEU A 22 2.51 -6.54 31.91
C LEU A 22 3.28 -7.88 32.03
N LEU A 23 4.06 -8.21 30.99
CA LEU A 23 4.89 -9.43 31.07
C LEU A 23 5.81 -9.42 32.31
N HIS A 24 6.46 -8.28 32.54
CA HIS A 24 7.47 -8.14 33.61
C HIS A 24 6.79 -8.21 34.96
N ASP A 25 5.61 -7.57 35.08
CA ASP A 25 4.81 -7.65 36.34
C ASP A 25 4.26 -9.04 36.62
N SER A 26 4.33 -9.92 35.65
CA SER A 26 3.75 -11.24 35.87
C SER A 26 4.85 -12.25 36.12
N GLY A 27 6.08 -11.79 36.28
CA GLY A 27 7.18 -12.71 36.51
C GLY A 27 8.04 -13.11 35.32
N LEU A 28 7.62 -12.79 34.08
CA LEU A 28 8.46 -13.12 32.91
C LEU A 28 9.68 -12.21 32.73
N ASN A 29 10.76 -12.81 32.20
CA ASN A 29 11.98 -12.12 31.80
C ASN A 29 11.78 -11.54 30.37
N VAL A 30 11.67 -10.22 30.28
CA VAL A 30 11.43 -9.53 29.00
C VAL A 30 12.58 -8.67 28.55
N VAL A 31 12.71 -8.60 27.23
CA VAL A 31 13.63 -7.67 26.62
C VAL A 31 12.87 -6.86 25.59
N VAL A 32 13.06 -5.55 25.61
CA VAL A 32 12.54 -4.68 24.53
C VAL A 32 13.69 -4.26 23.64
N LEU A 33 13.54 -4.49 22.33
CA LEU A 33 14.51 -4.09 21.36
C LEU A 33 13.91 -2.95 20.55
N GLU A 34 14.60 -1.81 20.61
CA GLU A 34 14.07 -0.61 20.01
C GLU A 34 15.06 -0.04 19.03
N ALA A 35 14.60 0.22 17.81
CA ALA A 35 15.41 0.75 16.70
C ALA A 35 16.06 2.08 17.01
N ARG A 36 15.32 2.98 17.68
CA ARG A 36 15.77 4.37 17.90
C ARG A 36 16.59 4.53 19.21
N ASP A 37 17.19 5.69 19.34
CA ASP A 37 17.96 6.01 20.50
C ASP A 37 17.08 6.54 21.60
N ARG A 38 15.76 6.39 21.48
CA ARG A 38 14.79 6.78 22.52
C ARG A 38 13.62 5.81 22.49
N VAL A 39 12.86 5.75 23.59
CA VAL A 39 11.57 5.11 23.56
C VAL A 39 10.45 6.10 23.14
N GLY A 40 9.21 5.61 22.99
CA GLY A 40 8.04 6.44 22.72
C GLY A 40 7.42 6.32 21.33
N GLY A 41 8.21 5.95 20.33
CA GLY A 41 7.71 5.76 18.97
C GLY A 41 7.03 6.97 18.36
N ARG A 42 5.75 6.81 18.00
CA ARG A 42 4.94 7.91 17.46
C ARG A 42 4.52 8.93 18.53
N THR A 43 4.86 8.67 19.79
CA THR A 43 4.84 9.77 20.81
C THR A 43 6.27 10.28 20.98
N TYR A 44 6.42 11.60 21.13
CA TYR A 44 7.72 12.23 21.26
C TYR A 44 7.52 13.60 21.92
N THR A 45 8.12 13.76 23.09
CA THR A 45 8.00 15.00 23.81
C THR A 45 9.32 15.69 23.74
N LEU A 46 9.37 16.83 23.05
CA LEU A 46 10.60 17.64 23.04
C LEU A 46 10.63 18.55 24.28
N ARG A 47 11.79 18.63 24.93
CA ARG A 47 12.06 19.61 26.00
C ARG A 47 13.26 20.49 25.65
N ASN A 48 13.05 21.80 25.70
CA ASN A 48 14.08 22.84 25.67
C ASN A 48 13.50 24.03 26.46
N GLN A 49 14.34 25.03 26.69
CA GLN A 49 13.97 26.22 27.47
C GLN A 49 12.80 27.02 26.90
N LYS A 50 12.72 27.03 25.58
CA LYS A 50 11.76 27.89 24.91
C LYS A 50 10.33 27.35 24.95
N VAL A 51 10.15 26.02 25.08
CA VAL A 51 8.77 25.41 25.03
C VAL A 51 8.32 24.80 26.38
N LYS A 52 9.33 24.61 27.21
CA LYS A 52 9.40 23.78 28.43
C LYS A 52 9.35 22.29 28.04
N TYR A 53 8.23 21.91 27.46
CA TYR A 53 8.01 20.60 26.82
C TYR A 53 6.93 20.79 25.78
N VAL A 54 6.94 19.93 24.76
CA VAL A 54 5.87 19.90 23.81
C VAL A 54 5.83 18.51 23.14
N ASP A 55 4.62 18.01 23.02
CA ASP A 55 4.35 16.82 22.26
C ASP A 55 4.39 17.09 20.76
N LEU A 56 5.37 16.50 20.10
CA LEU A 56 5.54 16.54 18.63
C LEU A 56 4.87 15.39 17.84
N GLY A 57 4.52 14.30 18.57
CA GLY A 57 3.66 13.22 18.05
C GLY A 57 2.37 13.11 18.82
N GLY A 58 1.94 11.90 19.17
CA GLY A 58 0.67 11.72 19.86
C GLY A 58 0.63 12.43 21.19
N SER A 59 -0.53 12.99 21.49
CA SER A 59 -0.70 13.99 22.55
C SER A 59 -2.03 13.83 23.30
N TYR A 60 -3.15 13.84 22.59
CA TYR A 60 -4.50 13.91 23.18
C TYR A 60 -5.07 12.62 23.74
N VAL A 61 -5.71 12.75 24.89
CA VAL A 61 -6.44 11.66 25.47
C VAL A 61 -7.81 12.21 25.83
N GLY A 62 -8.80 11.33 25.94
CA GLY A 62 -10.15 11.77 26.28
C GLY A 62 -10.97 10.64 26.89
N PRO A 63 -12.24 10.95 27.27
CA PRO A 63 -13.16 9.98 27.82
C PRO A 63 -13.34 8.75 26.94
N THR A 64 -13.51 7.60 27.59
CA THR A 64 -13.62 6.26 26.97
C THR A 64 -12.27 5.63 26.66
N GLN A 65 -11.18 6.39 26.76
CA GLN A 65 -9.84 5.87 26.51
C GLN A 65 -9.24 5.41 27.85
N ASN A 66 -9.87 4.38 28.44
CA ASN A 66 -9.66 4.07 29.86
C ASN A 66 -8.36 3.39 30.22
N ARG A 67 -7.79 2.70 29.22
CA ARG A 67 -6.53 1.96 29.38
C ARG A 67 -5.34 2.88 29.50
N ILE A 68 -5.23 3.83 28.56
CA ILE A 68 -4.12 4.77 28.58
C ILE A 68 -4.19 5.67 29.82
N LEU A 69 -5.39 6.09 30.22
CA LEU A 69 -5.55 6.90 31.47
C LEU A 69 -5.08 6.11 32.71
N ARG A 70 -5.41 4.82 32.76
CA ARG A 70 -5.07 3.98 33.91
C ARG A 70 -3.56 3.72 33.91
N LEU A 71 -3.00 3.47 32.72
CA LEU A 71 -1.59 3.19 32.64
C LEU A 71 -0.83 4.45 33.04
N ALA A 72 -1.26 5.58 32.50
CA ALA A 72 -0.58 6.84 32.77
C ALA A 72 -0.70 7.22 34.25
N LYS A 73 -1.92 7.08 34.77
CA LYS A 73 -2.17 7.36 36.19
C LYS A 73 -1.25 6.52 37.10
N GLU A 74 -1.10 5.25 36.77
CA GLU A 74 -0.30 4.33 37.59
C GLU A 74 1.19 4.69 37.54
N LEU A 75 1.58 5.34 36.46
CA LEU A 75 2.96 5.81 36.30
C LEU A 75 3.17 7.13 37.03
N GLY A 76 2.13 7.72 37.60
CA GLY A 76 2.25 9.01 38.27
C GLY A 76 1.96 10.22 37.39
N LEU A 77 1.26 10.02 36.28
CA LEU A 77 0.98 11.14 35.39
C LEU A 77 -0.37 11.79 35.67
N GLU A 78 -0.48 13.01 35.18
CA GLU A 78 -1.66 13.80 35.31
C GLU A 78 -2.07 14.35 33.96
N THR A 79 -3.37 14.64 33.84
CA THR A 79 -3.96 15.26 32.64
C THR A 79 -4.42 16.67 32.93
N TYR A 80 -4.42 17.50 31.90
CA TYR A 80 -5.11 18.78 31.97
C TYR A 80 -6.01 18.93 30.71
N LYS A 81 -6.98 19.81 30.80
CA LYS A 81 -7.94 20.01 29.74
C LYS A 81 -7.44 20.98 28.63
N VAL A 82 -7.51 20.56 27.38
CA VAL A 82 -7.31 21.48 26.26
C VAL A 82 -8.30 22.70 26.37
N ASN A 83 -7.83 23.92 26.11
CA ASN A 83 -8.65 25.11 26.24
C ASN A 83 -9.81 25.06 25.25
N GLU A 84 -11.03 25.05 25.77
CA GLU A 84 -12.20 25.23 24.90
C GLU A 84 -13.21 26.18 25.58
N VAL A 85 -12.71 27.13 26.36
CA VAL A 85 -13.60 28.04 27.05
C VAL A 85 -14.25 28.99 26.05
N GLU A 86 -13.49 29.56 25.14
CA GLU A 86 -14.06 30.52 24.18
C GLU A 86 -14.64 29.85 22.89
N ARG A 87 -14.90 30.64 21.83
CA ARG A 87 -15.53 30.16 20.58
C ARG A 87 -14.59 29.38 19.66
N LEU A 88 -15.12 28.36 18.98
CA LEU A 88 -14.40 27.65 17.91
C LEU A 88 -14.63 28.51 16.66
N ILE A 89 -13.85 28.27 15.63
CA ILE A 89 -13.97 29.02 14.38
C ILE A 89 -14.04 27.98 13.24
N HIS A 90 -15.00 28.15 12.34
CA HIS A 90 -15.04 27.37 11.13
C HIS A 90 -14.68 28.35 10.02
N HIS A 91 -13.55 28.16 9.40
CA HIS A 91 -13.17 29.10 8.37
C HIS A 91 -13.43 28.40 7.07
N VAL A 92 -14.34 28.96 6.27
CA VAL A 92 -14.69 28.39 4.96
C VAL A 92 -14.98 29.52 3.93
N LYS A 93 -14.43 29.33 2.72
CA LYS A 93 -14.51 30.30 1.61
C LYS A 93 -13.95 31.66 2.03
N GLY A 94 -12.81 31.66 2.73
CA GLY A 94 -12.08 32.90 2.95
C GLY A 94 -12.62 33.74 4.10
N LYS A 95 -13.62 33.23 4.85
CA LYS A 95 -14.29 33.89 6.00
C LYS A 95 -14.37 33.03 7.26
N SER A 96 -14.24 33.63 8.43
CA SER A 96 -14.39 32.89 9.74
C SER A 96 -15.78 33.04 10.41
N TYR A 97 -16.33 31.90 10.85
CA TYR A 97 -17.63 31.87 11.48
C TYR A 97 -17.51 31.24 12.85
N PRO A 98 -17.57 32.07 13.90
CA PRO A 98 -17.44 31.59 15.30
C PRO A 98 -18.61 30.69 15.70
N PHE A 99 -18.39 29.74 16.58
CA PHE A 99 -19.48 28.83 17.00
C PHE A 99 -19.11 28.05 18.25
N ARG A 100 -20.08 27.31 18.82
CA ARG A 100 -19.78 26.32 19.89
C ARG A 100 -20.37 24.93 19.59
N GLY A 101 -19.70 23.89 20.11
CA GLY A 101 -20.27 22.55 20.09
C GLY A 101 -19.54 21.59 19.19
N PRO A 102 -20.07 20.37 19.05
CA PRO A 102 -19.48 19.33 18.19
C PRO A 102 -19.25 19.73 16.72
N PHE A 103 -20.13 20.55 16.14
CA PHE A 103 -20.03 20.92 14.71
C PHE A 103 -20.46 22.38 14.44
N PRO A 104 -19.87 23.03 13.41
CA PRO A 104 -20.36 24.37 13.06
C PRO A 104 -21.84 24.33 12.63
N PRO A 105 -22.63 25.32 13.06
CA PRO A 105 -24.08 25.32 12.80
C PRO A 105 -24.38 25.57 11.32
N VAL A 106 -25.37 24.88 10.79
CA VAL A 106 -25.72 25.04 9.40
C VAL A 106 -27.08 25.71 9.36
N TRP A 107 -27.17 26.86 8.69
CA TRP A 107 -28.45 27.60 8.62
C TRP A 107 -29.41 27.27 7.46
N ASN A 108 -28.91 27.15 6.22
CA ASN A 108 -29.72 26.72 5.07
C ASN A 108 -30.42 25.37 5.35
N PRO A 109 -31.76 25.32 5.35
CA PRO A 109 -32.39 24.08 5.78
C PRO A 109 -32.07 22.86 4.91
N ILE A 110 -31.88 23.02 3.59
CA ILE A 110 -31.51 21.88 2.74
C ILE A 110 -30.17 21.33 3.20
N THR A 111 -29.21 22.24 3.26
CA THR A 111 -27.88 21.99 3.73
C THR A 111 -27.89 21.44 5.16
N TYR A 112 -28.86 21.84 5.96
CA TYR A 112 -28.94 21.35 7.30
C TYR A 112 -29.37 19.88 7.26
N LEU A 113 -30.28 19.54 6.35
CA LEU A 113 -30.70 18.13 6.24
C LEU A 113 -29.53 17.25 5.82
N ASP A 114 -28.74 17.80 4.92
CA ASP A 114 -27.71 17.05 4.23
C ASP A 114 -26.57 16.77 5.21
N HIS A 115 -26.06 17.83 5.81
CA HIS A 115 -25.13 17.75 6.90
C HIS A 115 -25.61 16.79 8.01
N ASN A 116 -26.88 16.85 8.39
CA ASN A 116 -27.32 16.05 9.54
C ASN A 116 -27.35 14.61 9.09
N ASN A 117 -27.85 14.41 7.87
CA ASN A 117 -27.90 13.07 7.31
C ASN A 117 -26.51 12.47 7.15
N PHE A 118 -25.53 13.27 6.74
CA PHE A 118 -24.18 12.70 6.55
C PHE A 118 -23.61 12.07 7.84
N TRP A 119 -23.59 12.82 8.94
CA TRP A 119 -23.03 12.32 10.18
C TRP A 119 -23.83 11.13 10.69
N ARG A 120 -25.16 11.27 10.66
CA ARG A 120 -26.07 10.20 11.01
C ARG A 120 -25.76 8.91 10.22
N THR A 121 -25.62 9.02 8.89
CA THR A 121 -25.38 7.82 8.07
C THR A 121 -24.02 7.18 8.42
N MET A 122 -22.97 8.01 8.61
CA MET A 122 -21.67 7.52 9.08
C MET A 122 -21.80 6.62 10.30
N ASP A 123 -22.52 7.10 11.32
CA ASP A 123 -22.75 6.29 12.50
C ASP A 123 -23.65 5.10 12.21
N ASP A 124 -24.67 5.29 11.38
CA ASP A 124 -25.59 4.18 10.98
C ASP A 124 -24.83 3.01 10.33
N MET A 125 -23.98 3.33 9.38
CA MET A 125 -23.17 2.32 8.71
C MET A 125 -22.22 1.68 9.72
N GLY A 126 -21.68 2.50 10.60
CA GLY A 126 -20.65 2.04 11.50
C GLY A 126 -21.19 1.01 12.45
N ARG A 127 -22.47 1.17 12.83
CA ARG A 127 -23.13 0.19 13.69
C ARG A 127 -23.32 -1.20 13.06
N GLU A 128 -23.15 -1.32 11.75
CA GLU A 128 -23.15 -2.62 11.07
C GLU A 128 -21.80 -3.35 11.05
N ILE A 129 -20.77 -2.67 11.53
CA ILE A 129 -19.43 -3.11 11.40
C ILE A 129 -18.92 -3.61 12.77
N PRO A 130 -18.70 -4.93 12.90
CA PRO A 130 -18.18 -5.37 14.22
C PRO A 130 -16.78 -4.81 14.47
N SER A 131 -16.53 -4.29 15.66
CA SER A 131 -15.22 -3.70 15.98
C SER A 131 -14.06 -4.61 15.81
N ASP A 132 -14.28 -5.88 16.16
CA ASP A 132 -13.18 -6.82 16.24
C ASP A 132 -13.11 -7.61 14.94
N ALA A 133 -14.02 -7.30 14.02
CA ALA A 133 -14.06 -8.06 12.74
C ALA A 133 -14.79 -7.28 11.61
N PRO A 134 -14.26 -6.11 11.23
CA PRO A 134 -14.98 -5.26 10.25
C PRO A 134 -15.32 -5.92 8.92
N TRP A 135 -14.53 -6.91 8.52
CA TRP A 135 -14.76 -7.64 7.28
C TRP A 135 -15.99 -8.51 7.43
N LYS A 136 -16.49 -8.66 8.64
CA LYS A 136 -17.78 -9.34 8.86
C LYS A 136 -19.02 -8.47 8.66
N ALA A 137 -18.87 -7.17 8.41
CA ALA A 137 -20.07 -6.37 8.02
C ALA A 137 -20.84 -7.04 6.87
N PRO A 138 -22.19 -7.03 6.94
CA PRO A 138 -23.01 -7.54 5.85
C PRO A 138 -22.65 -7.01 4.41
N LEU A 139 -22.27 -5.73 4.28
CA LEU A 139 -21.88 -5.12 3.03
C LEU A 139 -20.35 -4.82 3.00
N ALA A 140 -19.60 -5.64 3.74
CA ALA A 140 -18.18 -5.43 3.84
C ALA A 140 -17.58 -5.27 2.47
N GLU A 141 -17.85 -6.23 1.59
CA GLU A 141 -17.33 -6.25 0.22
C GLU A 141 -17.61 -4.95 -0.47
N GLU A 142 -18.88 -4.58 -0.46
CA GLU A 142 -19.34 -3.35 -1.16
C GLU A 142 -18.72 -2.04 -0.60
N TRP A 143 -18.71 -1.91 0.71
CA TRP A 143 -18.05 -0.77 1.36
C TRP A 143 -16.51 -0.74 1.20
N ASP A 144 -15.88 -1.92 1.21
CA ASP A 144 -14.43 -1.98 0.95
C ASP A 144 -14.02 -1.70 -0.49
N ASN A 145 -14.90 -1.95 -1.45
CA ASN A 145 -14.52 -1.80 -2.83
C ASN A 145 -14.70 -0.35 -3.36
N MET A 146 -14.98 0.56 -2.44
CA MET A 146 -15.09 1.97 -2.73
C MET A 146 -14.25 2.76 -1.72
N THR A 147 -13.80 3.94 -2.16
CA THR A 147 -13.00 4.84 -1.34
C THR A 147 -13.95 5.77 -0.58
N MET A 148 -13.43 6.50 0.44
CA MET A 148 -14.26 7.47 1.11
C MET A 148 -14.73 8.56 0.14
N LYS A 149 -13.94 8.90 -0.89
CA LYS A 149 -14.36 9.90 -1.90
C LYS A 149 -15.62 9.48 -2.59
N GLU A 150 -15.63 8.24 -3.08
CA GLU A 150 -16.81 7.71 -3.75
C GLU A 150 -17.98 7.70 -2.79
N LEU A 151 -17.77 7.36 -1.50
CA LEU A 151 -18.90 7.36 -0.57
C LEU A 151 -19.46 8.76 -0.35
N LEU A 152 -18.60 9.75 -0.11
CA LEU A 152 -19.03 11.14 0.07
C LEU A 152 -19.82 11.61 -1.15
N ASP A 153 -19.35 11.25 -2.35
CA ASP A 153 -20.05 11.58 -3.63
C ASP A 153 -21.49 11.04 -3.66
N LYS A 154 -21.68 9.83 -3.19
CA LYS A 154 -23.03 9.25 -3.06
C LYS A 154 -23.87 9.95 -1.98
N LEU A 155 -23.27 10.30 -0.83
CA LEU A 155 -24.07 10.72 0.34
C LEU A 155 -24.40 12.17 0.37
N CYS A 156 -23.47 13.02 -0.07
CA CYS A 156 -23.60 14.44 0.24
C CYS A 156 -24.29 15.10 -0.91
N TRP A 157 -25.48 15.68 -0.68
CA TRP A 157 -26.20 16.35 -1.79
C TRP A 157 -25.84 17.84 -1.87
N THR A 158 -25.01 18.29 -0.95
CA THR A 158 -24.47 19.65 -0.99
C THR A 158 -22.96 19.59 -1.01
N GLU A 159 -22.37 20.57 -1.70
CA GLU A 159 -20.94 20.74 -1.68
C GLU A 159 -20.44 21.06 -0.29
N SER A 160 -21.22 21.87 0.41
CA SER A 160 -21.00 22.21 1.80
C SER A 160 -20.73 20.97 2.69
N ALA A 161 -21.62 19.97 2.60
CA ALA A 161 -21.44 18.72 3.36
C ALA A 161 -20.18 17.97 2.89
N LYS A 162 -20.00 17.89 1.56
CA LYS A 162 -18.85 17.21 0.98
C LYS A 162 -17.53 17.81 1.45
N GLN A 163 -17.44 19.15 1.42
CA GLN A 163 -16.26 19.89 1.90
C GLN A 163 -15.91 19.61 3.39
N LEU A 164 -16.87 19.80 4.28
CA LEU A 164 -16.72 19.48 5.67
C LEU A 164 -16.34 18.00 5.93
N ALA A 165 -16.94 17.08 5.18
CA ALA A 165 -16.68 15.68 5.36
C ALA A 165 -15.26 15.31 4.95
N THR A 166 -14.79 15.97 3.90
CA THR A 166 -13.43 15.77 3.38
C THR A 166 -12.42 16.18 4.46
N LEU A 167 -12.72 17.30 5.11
CA LEU A 167 -11.82 17.82 6.13
C LEU A 167 -11.81 16.82 7.33
N PHE A 168 -12.99 16.30 7.66
CA PHE A 168 -13.10 15.25 8.68
C PHE A 168 -12.21 14.03 8.41
N VAL A 169 -12.22 13.51 7.18
CA VAL A 169 -11.45 12.33 6.85
C VAL A 169 -9.99 12.73 6.97
N ASN A 170 -9.62 13.83 6.31
CA ASN A 170 -8.23 14.25 6.33
C ASN A 170 -7.71 14.34 7.75
N LEU A 171 -8.50 14.95 8.64
CA LEU A 171 -8.05 15.18 10.03
C LEU A 171 -7.96 13.87 10.88
N CYS A 172 -8.95 13.01 10.75
CA CYS A 172 -9.02 11.75 11.46
C CYS A 172 -7.90 10.75 11.08
N VAL A 173 -7.56 10.62 9.78
CA VAL A 173 -6.69 9.54 9.27
C VAL A 173 -5.52 10.06 8.39
N THR A 174 -5.27 11.37 8.44
CA THR A 174 -4.23 12.02 7.64
C THR A 174 -4.00 11.39 6.24
N ALA A 175 -5.10 11.14 5.58
CA ALA A 175 -5.06 10.63 4.22
C ALA A 175 -6.18 11.32 3.44
N GLU A 176 -6.10 11.23 2.11
CA GLU A 176 -7.13 11.82 1.23
C GLU A 176 -8.29 10.88 1.20
N THR A 177 -9.49 11.38 0.86
CA THR A 177 -10.71 10.57 0.88
C THR A 177 -10.63 9.49 -0.21
N HIS A 178 -9.88 9.80 -1.26
CA HIS A 178 -9.68 8.88 -2.39
C HIS A 178 -8.61 7.82 -2.13
N GLU A 179 -7.95 7.92 -0.97
CA GLU A 179 -6.85 7.00 -0.67
C GLU A 179 -7.34 5.86 0.16
N VAL A 180 -8.42 6.09 0.89
CA VAL A 180 -8.86 5.12 1.88
C VAL A 180 -10.15 4.38 1.52
N SER A 181 -10.16 3.12 1.90
CA SER A 181 -11.36 2.28 1.89
C SER A 181 -12.52 2.94 2.65
N ALA A 182 -13.74 2.88 2.13
CA ALA A 182 -14.86 3.37 2.90
C ALA A 182 -15.14 2.46 4.12
N LEU A 183 -15.16 1.13 3.93
CA LEU A 183 -15.33 0.17 5.08
C LEU A 183 -14.37 0.42 6.21
N TRP A 184 -13.08 0.43 5.90
CA TRP A 184 -12.04 0.79 6.89
C TRP A 184 -12.31 2.11 7.60
N PHE A 185 -12.66 3.14 6.85
CA PHE A 185 -12.74 4.45 7.44
C PHE A 185 -13.94 4.50 8.34
N LEU A 186 -15.04 3.89 7.89
CA LEU A 186 -16.23 3.71 8.70
C LEU A 186 -15.96 2.84 9.94
N TRP A 187 -15.03 1.89 9.84
CA TRP A 187 -14.70 1.06 11.01
C TRP A 187 -13.92 1.91 11.99
N TYR A 188 -12.92 2.61 11.46
CA TYR A 188 -12.07 3.43 12.24
C TYR A 188 -12.86 4.45 13.08
N VAL A 189 -13.81 5.16 12.48
CA VAL A 189 -14.67 6.05 13.26
C VAL A 189 -15.51 5.31 14.33
N LYS A 190 -16.14 4.20 13.94
CA LYS A 190 -17.02 3.44 14.85
C LYS A 190 -16.23 2.94 16.07
N GLN A 191 -15.06 2.40 15.81
CA GLN A 191 -14.33 1.78 16.89
C GLN A 191 -13.72 2.83 17.85
N CYS A 192 -13.78 4.11 17.47
CA CYS A 192 -13.54 5.20 18.40
C CYS A 192 -14.83 5.72 19.10
N GLY A 193 -15.98 5.03 18.99
CA GLY A 193 -17.24 5.55 19.56
C GLY A 193 -18.10 6.48 18.68
N GLY A 194 -17.68 6.75 17.44
CA GLY A 194 -18.55 7.45 16.46
C GLY A 194 -18.05 8.87 16.14
N THR A 195 -18.75 9.56 15.23
CA THR A 195 -18.30 10.87 14.73
C THR A 195 -18.17 11.94 15.78
N THR A 196 -19.15 12.04 16.69
CA THR A 196 -19.08 13.01 17.79
C THR A 196 -17.93 12.77 18.74
N ARG A 197 -17.76 11.55 19.18
CA ARG A 197 -16.68 11.23 20.11
C ARG A 197 -15.31 11.44 19.43
N ILE A 198 -15.16 11.01 18.18
CA ILE A 198 -13.83 11.15 17.59
C ILE A 198 -13.45 12.64 17.40
N ALA A 199 -14.46 13.46 17.03
CA ALA A 199 -14.18 14.84 16.62
C ALA A 199 -14.20 15.84 17.79
N SER A 200 -14.68 15.44 18.95
CA SER A 200 -14.86 16.50 19.97
C SER A 200 -13.68 16.74 20.89
N THR A 201 -13.68 17.91 21.53
CA THR A 201 -12.70 18.27 22.55
C THR A 201 -13.25 17.85 23.91
N THR A 202 -14.05 18.75 24.52
CA THR A 202 -14.98 18.37 25.57
C THR A 202 -15.71 17.11 25.17
N ASN A 203 -15.64 16.12 26.06
CA ASN A 203 -16.28 14.81 25.82
C ASN A 203 -15.74 13.96 24.66
N GLY A 204 -14.58 14.29 24.10
CA GLY A 204 -14.12 13.53 22.95
C GLY A 204 -12.65 13.24 22.99
N GLY A 205 -12.16 12.71 21.85
CA GLY A 205 -10.79 12.30 21.66
C GLY A 205 -9.75 13.35 22.04
N GLN A 206 -10.11 14.63 21.92
CA GLN A 206 -9.12 15.73 22.03
C GLN A 206 -9.25 16.49 23.36
N GLU A 207 -9.91 15.89 24.36
CA GLU A 207 -10.20 16.61 25.60
C GLU A 207 -8.99 16.98 26.43
N ARG A 208 -8.02 16.08 26.52
CA ARG A 208 -6.90 16.29 27.43
C ARG A 208 -5.54 16.02 26.85
N LYS A 209 -4.53 16.49 27.58
CA LYS A 209 -3.13 16.11 27.41
C LYS A 209 -2.49 15.79 28.77
N PHE A 210 -1.35 15.12 28.72
CA PHE A 210 -0.59 14.84 29.92
C PHE A 210 0.28 16.02 30.30
N VAL A 211 0.28 16.33 31.59
CA VAL A 211 1.22 17.30 32.13
C VAL A 211 2.61 16.76 31.94
N GLY A 212 3.43 17.53 31.24
CA GLY A 212 4.81 17.14 30.98
C GLY A 212 5.02 16.40 29.68
N GLY A 213 3.96 16.12 28.94
CA GLY A 213 4.09 15.29 27.71
C GLY A 213 3.77 13.79 27.79
N SER A 214 3.24 13.25 26.68
CA SER A 214 2.88 11.85 26.61
C SER A 214 4.11 10.95 26.55
N GLY A 215 5.26 11.51 26.20
CA GLY A 215 6.52 10.76 26.09
C GLY A 215 6.88 10.06 27.40
N GLN A 216 6.41 10.65 28.49
CA GLN A 216 6.63 10.14 29.82
C GLN A 216 6.05 8.73 29.97
N VAL A 217 5.04 8.39 29.18
CA VAL A 217 4.45 7.04 29.31
C VAL A 217 5.55 6.01 29.02
N SER A 218 6.13 6.07 27.82
CA SER A 218 7.16 5.15 27.46
C SER A 218 8.40 5.26 28.36
N GLU A 219 8.83 6.50 28.66
CA GLU A 219 10.04 6.76 29.46
C GLU A 219 9.95 6.14 30.87
N ARG A 220 8.77 6.33 31.53
CA ARG A 220 8.54 5.82 32.86
C ARG A 220 8.47 4.30 32.89
N ILE A 221 7.97 3.71 31.80
CA ILE A 221 8.01 2.24 31.75
C ILE A 221 9.46 1.75 31.56
N MET A 222 10.21 2.44 30.70
CA MET A 222 11.64 2.18 30.58
C MET A 222 12.36 2.29 31.94
N ASP A 223 11.99 3.28 32.76
CA ASP A 223 12.54 3.42 34.11
C ASP A 223 12.29 2.16 34.91
N LEU A 224 11.06 1.64 34.86
CA LEU A 224 10.69 0.45 35.63
C LEU A 224 11.43 -0.81 35.16
N LEU A 225 11.72 -0.87 33.85
CA LEU A 225 12.26 -2.07 33.24
C LEU A 225 13.78 -2.08 33.33
N GLY A 226 14.35 -0.90 33.56
CA GLY A 226 15.80 -0.78 33.71
C GLY A 226 16.48 -1.18 32.42
N ASP A 227 17.49 -2.04 32.54
CA ASP A 227 18.38 -2.36 31.42
C ASP A 227 17.77 -3.38 30.42
N ARG A 228 16.53 -3.81 30.67
CA ARG A 228 15.78 -4.66 29.77
C ARG A 228 15.42 -3.98 28.38
N VAL A 229 15.56 -2.66 28.31
CA VAL A 229 15.24 -1.90 27.12
C VAL A 229 16.55 -1.61 26.43
N LYS A 230 16.75 -2.24 25.26
CA LYS A 230 17.91 -1.97 24.44
C LYS A 230 17.52 -0.96 23.39
N LEU A 231 18.15 0.20 23.50
CA LEU A 231 18.08 1.26 22.53
C LEU A 231 19.05 1.00 21.40
N GLU A 232 18.70 1.54 20.22
CA GLU A 232 19.47 1.37 19.00
C GLU A 232 19.75 -0.10 18.69
N ARG A 233 18.72 -0.93 18.84
CA ARG A 233 18.67 -2.30 18.32
C ARG A 233 17.57 -2.47 17.26
N PRO A 234 17.73 -1.91 16.05
CA PRO A 234 16.77 -2.25 15.00
C PRO A 234 16.80 -3.77 14.76
N VAL A 235 15.65 -4.44 14.81
CA VAL A 235 15.54 -5.90 14.52
C VAL A 235 15.55 -6.11 13.01
N ILE A 236 16.42 -7.01 12.56
CA ILE A 236 16.58 -7.32 11.12
C ILE A 236 16.18 -8.76 10.73
N TYR A 237 15.97 -9.63 11.71
CA TYR A 237 15.86 -11.05 11.39
C TYR A 237 15.24 -11.80 12.54
N ILE A 238 14.17 -12.54 12.22
CA ILE A 238 13.56 -13.49 13.13
C ILE A 238 13.48 -14.90 12.53
N ASP A 239 14.01 -15.84 13.28
CA ASP A 239 14.13 -17.19 12.81
C ASP A 239 13.41 -18.04 13.87
N GLN A 240 12.36 -18.72 13.44
CA GLN A 240 11.59 -19.62 14.29
C GLN A 240 11.73 -21.12 13.92
N THR A 241 12.83 -21.50 13.30
CA THR A 241 13.00 -22.89 12.87
C THR A 241 13.50 -23.79 14.01
N ARG A 242 14.13 -23.18 15.01
CA ARG A 242 14.61 -23.97 16.12
C ARG A 242 13.67 -23.92 17.34
N GLU A 243 14.08 -24.55 18.42
CA GLU A 243 13.21 -24.68 19.59
C GLU A 243 12.91 -23.34 20.24
N ASN A 244 13.90 -22.49 20.31
CA ASN A 244 13.76 -21.16 20.83
C ASN A 244 13.75 -20.22 19.64
N VAL A 245 12.89 -19.21 19.73
CA VAL A 245 12.89 -18.18 18.71
C VAL A 245 14.18 -17.35 18.74
N LEU A 246 14.75 -17.11 17.55
CA LEU A 246 15.95 -16.27 17.43
C LEU A 246 15.72 -14.90 16.80
N VAL A 247 16.22 -13.86 17.48
CA VAL A 247 15.98 -12.48 17.06
C VAL A 247 17.30 -11.77 16.95
N GLU A 248 17.62 -11.33 15.74
CA GLU A 248 18.85 -10.59 15.49
C GLU A 248 18.63 -9.11 15.18
N THR A 249 19.55 -8.30 15.71
CA THR A 249 19.57 -6.86 15.55
C THR A 249 20.63 -6.43 14.54
N LEU A 250 20.50 -5.20 14.06
CA LEU A 250 21.40 -4.64 13.08
C LEU A 250 22.84 -4.51 13.60
N ASN A 251 23.05 -4.31 14.90
CA ASN A 251 24.42 -4.35 15.46
C ASN A 251 24.87 -5.81 15.78
N HIS A 252 24.42 -6.74 14.96
CA HIS A 252 24.58 -8.17 15.14
C HIS A 252 24.59 -8.65 16.61
N GLU A 253 23.58 -8.28 17.39
CA GLU A 253 23.33 -8.93 18.67
C GLU A 253 22.25 -9.98 18.44
N MET A 254 22.30 -11.05 19.21
CA MET A 254 21.33 -12.13 19.03
C MET A 254 20.57 -12.36 20.31
N TYR A 255 19.23 -12.47 20.21
CA TYR A 255 18.36 -12.72 21.35
C TYR A 255 17.52 -13.97 21.15
N GLU A 256 17.44 -14.76 22.20
CA GLU A 256 16.78 -16.01 22.12
C GLU A 256 15.60 -16.00 23.10
N ALA A 257 14.41 -16.35 22.62
CA ALA A 257 13.22 -16.23 23.46
C ALA A 257 12.24 -17.34 23.20
N LYS A 258 11.28 -17.55 24.12
CA LYS A 258 10.22 -18.49 23.85
C LYS A 258 9.25 -17.91 22.80
N TYR A 259 9.02 -16.59 22.87
CA TYR A 259 7.99 -15.91 22.08
C TYR A 259 8.43 -14.50 21.77
N VAL A 260 7.84 -13.94 20.70
CA VAL A 260 8.12 -12.57 20.32
C VAL A 260 6.80 -11.77 20.23
N ILE A 261 6.83 -10.51 20.63
CA ILE A 261 5.73 -9.63 20.30
C ILE A 261 6.31 -8.60 19.32
N SER A 262 5.67 -8.53 18.14
CA SER A 262 5.93 -7.45 17.20
C SER A 262 5.02 -6.23 17.55
N ALA A 263 5.58 -5.17 18.18
CA ALA A 263 4.83 -3.99 18.63
C ALA A 263 5.23 -2.77 17.71
N ILE A 264 5.30 -3.03 16.40
CA ILE A 264 5.72 -2.01 15.42
C ILE A 264 4.57 -1.86 14.43
N PRO A 265 4.48 -0.69 13.74
CA PRO A 265 3.34 -0.57 12.76
C PRO A 265 3.42 -1.77 11.83
N PRO A 266 2.27 -2.25 11.31
CA PRO A 266 2.31 -3.44 10.49
C PRO A 266 3.31 -3.44 9.35
N THR A 267 3.32 -2.39 8.53
CA THR A 267 4.18 -2.41 7.38
C THR A 267 5.66 -2.40 7.76
N LEU A 268 6.04 -1.85 8.94
CA LEU A 268 7.44 -1.93 9.33
C LEU A 268 7.92 -3.37 9.60
N GLY A 269 7.00 -4.32 9.78
CA GLY A 269 7.41 -5.71 9.70
C GLY A 269 8.25 -6.07 8.44
N MET A 270 8.18 -5.25 7.39
CA MET A 270 8.99 -5.49 6.19
CA MET A 270 8.98 -5.46 6.18
C MET A 270 10.50 -5.35 6.41
N LYS A 271 10.88 -4.58 7.44
CA LYS A 271 12.28 -4.35 7.77
C LYS A 271 12.93 -5.60 8.39
N ILE A 272 12.11 -6.63 8.60
CA ILE A 272 12.54 -7.87 9.22
C ILE A 272 12.54 -8.99 8.17
N HIS A 273 13.67 -9.68 8.06
CA HIS A 273 13.85 -10.90 7.25
C HIS A 273 13.38 -12.10 8.03
N PHE A 274 12.43 -12.88 7.49
CA PHE A 274 11.89 -14.00 8.25
C PHE A 274 12.38 -15.35 7.75
N ASN A 275 12.62 -16.21 8.73
CA ASN A 275 12.94 -17.61 8.57
C ASN A 275 12.10 -18.44 9.57
N PRO A 276 11.21 -19.28 9.07
CA PRO A 276 10.91 -19.44 7.66
C PRO A 276 10.09 -18.20 7.16
N PRO A 277 9.86 -18.10 5.86
CA PRO A 277 9.09 -16.94 5.34
C PRO A 277 7.71 -16.75 5.99
N LEU A 278 7.26 -15.51 6.11
CA LEU A 278 5.85 -15.31 6.53
C LEU A 278 4.90 -16.14 5.66
N PRO A 279 3.80 -16.62 6.24
CA PRO A 279 2.71 -17.18 5.45
C PRO A 279 2.28 -16.16 4.38
N MET A 280 1.70 -16.64 3.29
CA MET A 280 1.38 -15.79 2.14
C MET A 280 0.56 -14.52 2.50
N MET A 281 -0.47 -14.67 3.31
CA MET A 281 -1.43 -13.60 3.51
C MET A 281 -0.72 -12.44 4.23
N ARG A 282 0.11 -12.75 5.19
CA ARG A 282 0.84 -11.70 5.90
C ARG A 282 1.96 -11.09 5.10
N ASN A 283 2.66 -11.92 4.37
CA ASN A 283 3.71 -11.46 3.48
C ASN A 283 3.18 -10.35 2.55
N GLN A 284 1.99 -10.57 2.05
CA GLN A 284 1.42 -9.57 1.16
C GLN A 284 0.77 -8.39 1.94
N MET A 285 0.12 -8.68 3.08
CA MET A 285 -0.57 -7.65 3.87
C MET A 285 0.37 -6.45 4.23
N ILE A 286 1.62 -6.75 4.59
CA ILE A 286 2.50 -5.72 5.13
C ILE A 286 3.09 -4.83 4.06
N THR A 287 2.84 -5.15 2.77
CA THR A 287 3.13 -4.26 1.65
C THR A 287 1.97 -3.43 1.22
N ARG A 288 0.82 -3.60 1.89
CA ARG A 288 -0.43 -2.99 1.49
C ARG A 288 -1.01 -2.00 2.49
N VAL A 289 -0.23 -1.58 3.48
CA VAL A 289 -0.81 -0.88 4.64
C VAL A 289 0.02 0.30 5.05
N PRO A 290 -0.08 1.38 4.27
CA PRO A 290 0.77 2.57 4.46
C PRO A 290 0.27 3.34 5.65
N LEU A 291 1.12 4.16 6.27
CA LEU A 291 0.63 5.18 7.24
C LEU A 291 0.37 6.56 6.59
N GLY A 292 -0.42 7.41 7.27
CA GLY A 292 -0.77 8.74 6.79
C GLY A 292 0.43 9.68 6.77
N SER A 293 0.20 10.89 6.27
CA SER A 293 1.17 11.97 6.23
C SER A 293 0.65 13.16 7.01
N VAL A 294 1.51 13.66 7.89
CA VAL A 294 1.19 14.83 8.70
C VAL A 294 2.48 15.52 9.19
N ILE A 295 2.41 16.86 9.27
CA ILE A 295 3.45 17.66 9.96
C ILE A 295 2.71 18.29 11.12
N LYS A 296 3.21 18.09 12.32
CA LYS A 296 2.59 18.69 13.47
C LYS A 296 3.43 19.93 13.76
N CYS A 297 2.78 21.09 13.85
CA CYS A 297 3.49 22.36 13.94
C CYS A 297 3.05 23.14 15.16
N ILE A 298 4.00 23.70 15.91
CA ILE A 298 3.57 24.52 17.07
C ILE A 298 4.17 25.95 17.00
N VAL A 299 3.29 26.94 16.95
CA VAL A 299 3.72 28.34 16.86
C VAL A 299 3.49 28.97 18.21
N TYR A 300 4.57 29.55 18.75
CA TYR A 300 4.55 30.18 20.08
C TYR A 300 4.34 31.69 19.97
N TYR A 301 3.57 32.22 20.90
CA TYR A 301 3.33 33.66 21.03
C TYR A 301 3.48 34.13 22.47
N LYS A 302 3.61 35.45 22.63
CA LYS A 302 3.78 36.13 23.93
C LYS A 302 2.64 35.79 24.88
N GLU A 303 1.41 35.82 24.34
CA GLU A 303 0.17 35.62 25.07
C GLU A 303 -0.85 34.87 24.19
N PRO A 304 -1.84 34.22 24.83
CA PRO A 304 -2.81 33.61 23.96
C PRO A 304 -3.84 34.67 23.56
N PHE A 305 -3.43 35.54 22.62
CA PHE A 305 -4.17 36.75 22.30
C PHE A 305 -5.57 36.42 21.79
N TRP A 306 -5.70 35.27 21.14
CA TRP A 306 -6.98 34.81 20.59
C TRP A 306 -8.10 34.73 21.64
N ARG A 307 -7.74 34.43 22.90
CA ARG A 307 -8.77 34.29 23.92
C ARG A 307 -9.43 35.66 24.21
N LYS A 308 -8.66 36.74 24.00
CA LYS A 308 -9.11 38.12 24.24
C LYS A 308 -10.19 38.53 23.25
N LYS A 309 -10.19 37.89 22.06
CA LYS A 309 -11.20 38.06 21.02
C LYS A 309 -12.30 37.00 21.13
N ASP A 310 -12.24 36.24 22.21
CA ASP A 310 -13.23 35.22 22.53
C ASP A 310 -13.15 34.04 21.53
N TYR A 311 -11.92 33.65 21.21
CA TYR A 311 -11.67 32.47 20.42
C TYR A 311 -10.91 31.49 21.34
N CYS A 312 -11.28 30.23 21.43
CA CYS A 312 -10.44 29.31 22.24
C CYS A 312 -9.14 28.85 21.56
N GLY A 313 -9.12 28.89 20.22
CA GLY A 313 -7.90 28.61 19.46
C GLY A 313 -8.11 27.40 18.56
N THR A 314 -9.31 26.83 18.58
CA THR A 314 -9.73 25.76 17.69
C THR A 314 -10.20 26.37 16.40
N MET A 315 -9.57 25.98 15.32
CA MET A 315 -9.93 26.43 14.01
C MET A 315 -10.04 25.20 13.14
N ILE A 316 -11.17 25.12 12.48
CA ILE A 316 -11.41 24.26 11.35
C ILE A 316 -11.33 25.10 10.06
N ILE A 317 -10.30 24.84 9.27
CA ILE A 317 -9.94 25.76 8.22
C ILE A 317 -10.00 25.03 6.86
N ASP A 318 -11.03 25.34 6.08
CA ASP A 318 -11.27 24.69 4.80
C ASP A 318 -10.55 25.42 3.68
N GLY A 319 -10.37 24.74 2.54
CA GLY A 319 -9.76 25.40 1.39
C GLY A 319 -8.36 24.90 1.08
N GLU A 320 -8.07 24.80 -0.21
CA GLU A 320 -6.74 24.38 -0.66
C GLU A 320 -5.54 25.26 -0.25
N GLU A 321 -5.74 26.57 -0.13
CA GLU A 321 -4.61 27.52 0.11
C GLU A 321 -4.14 27.43 1.56
N ALA A 322 -5.01 26.97 2.43
CA ALA A 322 -4.69 26.86 3.85
C ALA A 322 -3.68 25.73 4.14
N PRO A 323 -2.46 26.07 4.60
CA PRO A 323 -1.55 24.98 4.91
C PRO A 323 -2.06 24.09 6.03
N VAL A 324 -2.61 24.68 7.09
CA VAL A 324 -3.13 23.92 8.25
C VAL A 324 -4.64 23.86 8.17
N ALA A 325 -5.24 22.68 8.32
CA ALA A 325 -6.70 22.59 8.20
C ALA A 325 -7.39 22.48 9.55
N TYR A 326 -6.57 22.31 10.60
CA TYR A 326 -7.09 22.20 11.94
C TYR A 326 -6.09 22.61 12.98
N THR A 327 -6.54 23.35 13.97
CA THR A 327 -5.63 23.80 15.05
C THR A 327 -6.25 23.61 16.43
N LEU A 328 -5.42 23.60 17.48
CA LEU A 328 -5.90 23.70 18.85
C LEU A 328 -4.98 24.61 19.64
N ASP A 329 -5.55 25.17 20.71
CA ASP A 329 -4.77 25.94 21.66
C ASP A 329 -3.79 24.99 22.34
N ASP A 330 -2.49 25.32 22.34
CA ASP A 330 -1.48 24.47 23.00
C ASP A 330 -0.76 25.13 24.18
N THR A 331 -1.33 26.24 24.64
CA THR A 331 -0.91 26.91 25.84
C THR A 331 -0.80 25.91 27.00
N LYS A 332 0.33 26.00 27.72
CA LYS A 332 0.48 25.25 28.97
C LYS A 332 -0.69 25.54 29.90
N PRO A 333 -1.03 24.56 30.78
CA PRO A 333 -2.14 24.69 31.71
C PRO A 333 -2.00 25.87 32.64
N GLU A 334 -0.77 26.28 32.97
CA GLU A 334 -0.53 27.39 33.89
C GLU A 334 -0.87 28.75 33.23
N GLY A 335 -1.16 28.72 31.93
CA GLY A 335 -1.44 29.97 31.16
C GLY A 335 -0.24 30.51 30.40
N ASN A 336 0.97 29.97 30.62
CA ASN A 336 2.15 30.47 29.88
C ASN A 336 2.58 29.61 28.66
N TYR A 337 3.64 30.02 27.98
CA TYR A 337 4.07 29.42 26.73
C TYR A 337 2.86 29.34 25.77
N ALA A 338 2.16 30.45 25.64
CA ALA A 338 1.04 30.52 24.69
C ALA A 338 1.45 30.00 23.30
N ALA A 339 0.64 29.13 22.72
CA ALA A 339 0.99 28.41 21.52
C ALA A 339 -0.25 28.00 20.73
N ILE A 340 -0.12 27.88 19.41
CA ILE A 340 -1.18 27.24 18.64
C ILE A 340 -0.59 26.00 17.99
N MET A 341 -1.17 24.83 18.27
CA MET A 341 -0.81 23.59 17.54
C MET A 341 -1.70 23.52 16.28
N GLY A 342 -1.10 23.21 15.12
CA GLY A 342 -1.86 22.94 13.89
C GLY A 342 -1.26 21.75 13.13
N PHE A 343 -2.07 21.00 12.41
CA PHE A 343 -1.61 19.88 11.57
C PHE A 343 -1.59 20.24 10.08
N ILE A 344 -0.48 19.93 9.38
CA ILE A 344 -0.48 20.04 7.93
C ILE A 344 -0.80 18.63 7.42
N LEU A 345 -1.93 18.48 6.75
CA LEU A 345 -2.47 17.13 6.50
C LEU A 345 -2.32 16.56 5.06
N ALA A 346 -2.02 15.25 5.03
CA ALA A 346 -2.08 14.40 3.82
C ALA A 346 -1.30 15.01 2.71
N HIS A 347 -1.92 15.33 1.57
CA HIS A 347 -1.15 15.89 0.43
C HIS A 347 -0.42 17.23 0.76
N LYS A 348 -0.96 18.01 1.67
CA LYS A 348 -0.24 19.24 2.03
C LYS A 348 1.03 18.98 2.80
N ALA A 349 1.06 17.88 3.59
CA ALA A 349 2.28 17.51 4.30
C ALA A 349 3.34 17.25 3.24
N ARG A 350 2.94 16.57 2.16
CA ARG A 350 3.81 16.27 1.02
C ARG A 350 4.26 17.54 0.32
N LYS A 351 3.27 18.30 -0.18
CA LYS A 351 3.51 19.57 -0.87
C LYS A 351 4.42 20.55 -0.07
N LEU A 352 4.09 20.79 1.20
CA LEU A 352 4.77 21.86 1.96
C LEU A 352 6.14 21.45 2.59
N ALA A 353 6.41 20.15 2.68
CA ALA A 353 7.74 19.65 3.12
C ALA A 353 8.89 20.19 2.26
N ARG A 354 8.62 20.63 1.03
CA ARG A 354 9.65 21.26 0.19
C ARG A 354 10.13 22.63 0.71
N LEU A 355 9.24 23.34 1.40
CA LEU A 355 9.57 24.62 1.99
C LEU A 355 10.62 24.52 3.10
N THR A 356 11.25 25.64 3.48
CA THR A 356 12.00 25.66 4.74
C THR A 356 11.10 25.76 5.97
N LYS A 357 11.68 25.44 7.10
CA LYS A 357 11.03 25.58 8.36
C LYS A 357 10.50 27.03 8.50
N GLU A 358 11.33 28.02 8.14
CA GLU A 358 10.92 29.46 8.24
C GLU A 358 9.85 29.88 7.25
N GLU A 359 9.90 29.37 6.02
CA GLU A 359 8.75 29.55 5.10
C GLU A 359 7.46 28.87 5.63
N ARG A 360 7.55 27.70 6.27
CA ARG A 360 6.32 27.12 6.80
C ARG A 360 5.82 27.99 7.95
N LEU A 361 6.74 28.45 8.80
CA LEU A 361 6.29 29.32 9.88
C LEU A 361 5.54 30.54 9.34
N LYS A 362 6.16 31.19 8.36
CA LYS A 362 5.59 32.37 7.74
C LYS A 362 4.17 32.08 7.23
N LYS A 363 4.00 31.00 6.47
CA LYS A 363 2.68 30.65 5.93
C LYS A 363 1.66 30.37 7.03
N LEU A 364 2.09 29.78 8.14
CA LEU A 364 1.15 29.47 9.21
C LEU A 364 0.72 30.75 9.95
N CYS A 365 1.65 31.68 10.20
CA CYS A 365 1.27 32.92 10.88
C CYS A 365 0.27 33.74 10.04
N GLU A 366 0.54 33.81 8.75
CA GLU A 366 -0.34 34.53 7.83
C GLU A 366 -1.71 33.90 7.75
N LEU A 367 -1.77 32.57 7.80
CA LEU A 367 -3.05 31.89 7.82
C LEU A 367 -3.81 32.27 9.10
N TYR A 368 -3.10 32.23 10.23
CA TYR A 368 -3.74 32.45 11.57
C TYR A 368 -4.15 33.92 11.71
N ALA A 369 -3.30 34.82 11.22
CA ALA A 369 -3.65 36.25 11.18
C ALA A 369 -5.01 36.42 10.53
N LYS A 370 -5.17 35.90 9.30
CA LYS A 370 -6.45 35.95 8.56
C LYS A 370 -7.60 35.22 9.27
N VAL A 371 -7.37 33.99 9.72
CA VAL A 371 -8.46 33.23 10.34
C VAL A 371 -8.94 33.91 11.63
N LEU A 372 -8.01 34.36 12.45
CA LEU A 372 -8.34 35.03 13.75
C LEU A 372 -8.57 36.56 13.64
N GLY A 373 -8.53 37.09 12.42
CA GLY A 373 -8.59 38.55 12.16
C GLY A 373 -7.63 39.29 13.08
N SER A 374 -6.40 38.79 13.23
CA SER A 374 -5.46 39.31 14.26
C SER A 374 -4.02 39.50 13.78
N LEU A 375 -3.59 40.76 13.62
CA LEU A 375 -2.20 41.04 13.26
C LEU A 375 -1.16 40.43 14.22
N GLU A 376 -1.45 40.33 15.52
CA GLU A 376 -0.58 39.65 16.48
C GLU A 376 -0.03 38.25 16.04
N ALA A 377 -0.79 37.51 15.23
CA ALA A 377 -0.46 36.15 14.80
C ALA A 377 0.74 36.22 13.92
N LEU A 378 1.00 37.44 13.44
CA LEU A 378 2.21 37.67 12.67
C LEU A 378 3.43 37.81 13.56
N GLU A 379 3.28 37.75 14.90
CA GLU A 379 4.46 37.95 15.78
C GLU A 379 4.85 36.73 16.59
N PRO A 380 5.19 35.61 15.94
CA PRO A 380 5.58 34.45 16.74
C PRO A 380 6.87 34.69 17.56
N VAL A 381 6.98 34.03 18.72
CA VAL A 381 8.21 34.12 19.48
C VAL A 381 9.04 32.86 19.35
N HIS A 382 8.45 31.74 18.92
CA HIS A 382 9.15 30.46 18.75
C HIS A 382 8.34 29.52 17.85
N TYR A 383 8.98 28.48 17.32
CA TYR A 383 8.30 27.57 16.43
C TYR A 383 8.94 26.23 16.61
N GLU A 384 8.11 25.21 16.76
CA GLU A 384 8.58 23.82 16.70
C GLU A 384 7.68 23.04 15.74
N GLU A 385 8.25 22.01 15.13
CA GLU A 385 7.53 21.24 14.12
C GLU A 385 8.16 19.86 13.98
N LYS A 386 7.32 18.88 13.58
CA LYS A 386 7.80 17.56 13.21
C LYS A 386 7.06 16.97 11.98
N ASN A 387 7.82 16.63 10.93
CA ASN A 387 7.23 15.94 9.78
C ASN A 387 7.36 14.44 9.96
N TRP A 388 6.24 13.76 10.25
CA TRP A 388 6.30 12.32 10.58
C TRP A 388 6.57 11.40 9.35
N CYS A 389 6.45 11.97 8.15
CA CYS A 389 6.72 11.25 6.87
C CYS A 389 8.18 10.84 6.65
N GLU A 390 9.10 11.53 7.31
CA GLU A 390 10.53 11.23 7.20
C GLU A 390 11.03 10.16 8.19
N GLU A 391 10.17 9.73 9.10
CA GLU A 391 10.53 8.70 10.07
C GLU A 391 10.62 7.26 9.47
N GLN A 392 11.83 6.82 9.18
CA GLN A 392 12.13 5.42 8.82
C GLN A 392 11.46 4.42 9.81
N TYR A 393 11.48 4.70 11.13
CA TYR A 393 10.94 3.76 12.12
C TYR A 393 9.51 4.08 12.61
N SER A 394 8.84 5.04 11.95
CA SER A 394 7.39 5.14 12.02
C SER A 394 6.65 4.89 10.69
N GLY A 395 7.19 5.45 9.61
CA GLY A 395 6.50 5.33 8.31
C GLY A 395 5.47 6.41 8.01
N GLY A 396 5.05 7.14 9.06
CA GLY A 396 4.09 8.24 8.97
C GLY A 396 3.33 8.38 10.27
N CYS A 397 2.26 9.18 10.25
CA CYS A 397 1.34 9.29 11.37
C CYS A 397 0.00 9.74 10.85
N TYR A 398 -1.08 9.61 11.66
CA TYR A 398 -1.05 9.00 12.98
C TYR A 398 -0.88 7.49 12.92
N THR A 399 -1.48 6.87 11.90
CA THR A 399 -1.58 5.43 11.92
C THR A 399 -1.61 4.87 10.52
N THR A 400 -1.85 3.58 10.47
CA THR A 400 -1.98 2.81 9.24
C THR A 400 -3.40 2.98 8.71
N TYR A 401 -3.50 3.38 7.45
CA TYR A 401 -4.78 3.29 6.75
C TYR A 401 -4.80 2.15 5.70
N PHE A 402 -6.01 1.84 5.28
CA PHE A 402 -6.24 0.67 4.47
C PHE A 402 -6.81 1.14 3.13
N PRO A 403 -6.04 0.99 2.06
CA PRO A 403 -6.68 1.44 0.79
C PRO A 403 -7.81 0.51 0.41
N PRO A 404 -8.56 0.86 -0.67
CA PRO A 404 -9.66 -0.04 -0.99
C PRO A 404 -9.29 -1.47 -1.36
N GLY A 405 -10.09 -2.38 -0.78
CA GLY A 405 -10.10 -3.84 -1.07
C GLY A 405 -9.21 -4.59 -0.09
N ILE A 406 -8.40 -3.85 0.68
CA ILE A 406 -7.40 -4.49 1.52
C ILE A 406 -7.98 -5.14 2.75
N LEU A 407 -8.80 -4.41 3.51
CA LEU A 407 -9.31 -4.84 4.80
C LEU A 407 -10.10 -6.13 4.72
N THR A 408 -10.94 -6.27 3.69
CA THR A 408 -11.66 -7.52 3.60
C THR A 408 -10.77 -8.70 3.18
N GLN A 409 -9.74 -8.46 2.38
CA GLN A 409 -8.90 -9.55 1.85
C GLN A 409 -7.86 -9.97 2.81
N TYR A 410 -7.33 -9.00 3.54
CA TYR A 410 -6.14 -9.26 4.37
C TYR A 410 -6.38 -8.93 5.86
N GLY A 411 -7.52 -8.35 6.21
CA GLY A 411 -7.77 -7.81 7.59
C GLY A 411 -7.62 -8.86 8.68
N ARG A 412 -8.09 -10.05 8.36
CA ARG A 412 -8.07 -11.26 9.24
C ARG A 412 -6.70 -11.54 9.84
N VAL A 413 -5.65 -11.17 9.10
CA VAL A 413 -4.34 -11.62 9.56
C VAL A 413 -3.60 -10.61 10.43
N LEU A 414 -4.16 -9.41 10.56
CA LEU A 414 -3.45 -8.34 11.24
C LEU A 414 -2.92 -8.77 12.61
N ARG A 415 -3.71 -9.53 13.38
CA ARG A 415 -3.26 -9.98 14.70
C ARG A 415 -3.24 -11.52 14.87
N GLN A 416 -3.36 -12.24 13.77
CA GLN A 416 -3.18 -13.69 13.80
C GLN A 416 -1.70 -14.05 14.16
N PRO A 417 -1.49 -14.80 15.28
CA PRO A 417 -0.12 -15.22 15.58
C PRO A 417 0.55 -15.92 14.38
N VAL A 418 1.86 -15.74 14.22
CA VAL A 418 2.67 -16.52 13.26
C VAL A 418 3.63 -17.37 14.10
N ASP A 419 3.19 -18.62 14.32
CA ASP A 419 3.90 -19.59 15.17
C ASP A 419 4.08 -18.96 16.57
N ARG A 420 5.27 -18.45 16.85
CA ARG A 420 5.53 -17.89 18.18
C ARG A 420 5.63 -16.38 18.21
N ILE A 421 5.29 -15.75 17.08
CA ILE A 421 5.21 -14.28 17.00
C ILE A 421 3.76 -13.87 17.17
N TYR A 422 3.54 -12.99 18.16
CA TYR A 422 2.27 -12.35 18.43
C TYR A 422 2.32 -10.86 18.08
N PHE A 423 1.17 -10.33 17.70
CA PHE A 423 1.07 -8.94 17.17
C PHE A 423 0.33 -7.96 18.05
N ALA A 424 1.07 -6.91 18.44
CA ALA A 424 0.60 -5.76 19.22
C ALA A 424 0.67 -4.55 18.26
N GLY A 425 0.82 -3.33 18.80
CA GLY A 425 0.81 -2.07 18.00
C GLY A 425 -0.62 -1.55 17.87
N THR A 426 -0.83 -0.23 17.87
CA THR A 426 -2.21 0.30 17.96
C THR A 426 -3.16 -0.21 16.84
N GLU A 427 -2.55 -0.58 15.72
CA GLU A 427 -3.28 -1.04 14.53
C GLU A 427 -4.05 -2.34 14.73
N THR A 428 -3.63 -3.16 15.71
CA THR A 428 -4.31 -4.43 16.05
C THR A 428 -5.42 -4.25 17.14
N ALA A 429 -5.63 -3.02 17.60
CA ALA A 429 -6.65 -2.79 18.64
C ALA A 429 -8.07 -2.79 18.11
N THR A 430 -9.03 -2.95 19.02
CA THR A 430 -10.45 -2.98 18.63
C THR A 430 -11.20 -1.74 19.06
N HIS A 431 -10.55 -0.88 19.87
CA HIS A 431 -11.18 0.30 20.49
C HIS A 431 -10.13 1.42 20.50
N TRP A 432 -10.33 2.50 19.73
CA TRP A 432 -9.27 3.51 19.55
C TRP A 432 -7.97 3.00 18.91
N SER A 433 -8.10 2.08 17.96
CA SER A 433 -6.96 1.68 17.12
C SER A 433 -6.50 2.98 16.48
N GLY A 434 -5.18 3.16 16.36
CA GLY A 434 -4.57 4.37 15.83
C GLY A 434 -4.15 5.38 16.91
N TYR A 435 -4.63 5.18 18.14
CA TYR A 435 -4.28 6.01 19.27
C TYR A 435 -3.41 5.31 20.30
N MET A 436 -2.91 6.13 21.22
CA MET A 436 -2.21 5.65 22.38
C MET A 436 -3.04 4.63 23.15
N GLU A 437 -4.36 4.87 23.23
CA GLU A 437 -5.32 3.92 23.81
C GLU A 437 -5.27 2.54 23.13
N GLY A 438 -5.47 2.51 21.82
CA GLY A 438 -5.29 1.26 21.05
C GLY A 438 -3.91 0.62 21.29
N ALA A 439 -2.91 1.44 21.50
CA ALA A 439 -1.60 0.84 21.74
C ALA A 439 -1.59 0.01 23.03
N VAL A 440 -2.13 0.56 24.12
CA VAL A 440 -2.10 -0.11 25.42
C VAL A 440 -2.96 -1.36 25.32
N GLU A 441 -4.09 -1.25 24.63
CA GLU A 441 -5.01 -2.40 24.45
C GLU A 441 -4.29 -3.57 23.69
N ALA A 442 -3.73 -3.25 22.52
CA ALA A 442 -3.05 -4.30 21.73
C ALA A 442 -1.80 -4.90 22.47
N GLY A 443 -1.09 -4.09 23.25
CA GLY A 443 0.13 -4.52 23.93
C GLY A 443 -0.19 -5.48 25.06
N GLU A 444 -1.13 -5.10 25.91
CA GLU A 444 -1.59 -5.94 26.98
C GLU A 444 -2.31 -7.22 26.50
N ARG A 445 -3.04 -7.12 25.40
CA ARG A 445 -3.72 -8.30 24.84
C ARG A 445 -2.71 -9.32 24.26
N ALA A 446 -1.69 -8.83 23.58
CA ALA A 446 -0.65 -9.72 23.01
C ALA A 446 0.15 -10.38 24.13
N ALA A 447 0.43 -9.61 25.17
CA ALA A 447 1.11 -10.14 26.33
C ALA A 447 0.24 -11.25 26.87
N ARG A 448 -1.09 -11.07 26.86
CA ARG A 448 -1.95 -12.04 27.50
C ARG A 448 -2.13 -13.28 26.63
N GLU A 449 -2.07 -13.13 25.30
CA GLU A 449 -2.04 -14.28 24.41
C GLU A 449 -0.84 -15.18 24.71
N ILE A 450 0.32 -14.58 24.91
CA ILE A 450 1.51 -15.34 25.24
C ILE A 450 1.32 -16.01 26.62
N LEU A 451 0.80 -15.30 27.61
CA LEU A 451 0.53 -15.90 28.92
C LEU A 451 -0.40 -17.13 28.82
N HIS A 452 -1.41 -17.09 27.92
CA HIS A 452 -2.28 -18.24 27.73
C HIS A 452 -1.50 -19.36 27.02
N ALA A 453 -0.65 -18.98 26.04
CA ALA A 453 0.17 -19.98 25.36
C ALA A 453 1.07 -20.73 26.36
N MET A 454 1.58 -20.03 27.37
CA MET A 454 2.41 -20.63 28.43
C MET A 454 1.65 -21.33 29.57
N GLY A 455 0.32 -21.32 29.48
CA GLY A 455 -0.52 -22.00 30.46
C GLY A 455 -0.75 -21.22 31.76
N LYS A 456 -0.43 -19.92 31.74
CA LYS A 456 -0.49 -19.11 32.97
C LYS A 456 -1.85 -18.47 33.28
N ILE A 457 -2.72 -18.36 32.29
CA ILE A 457 -4.05 -17.76 32.46
C ILE A 457 -5.02 -18.51 31.58
N PRO A 458 -6.30 -18.59 31.97
CA PRO A 458 -7.24 -19.23 31.04
C PRO A 458 -7.51 -18.35 29.81
N GLU A 459 -8.04 -18.95 28.76
CA GLU A 459 -8.31 -18.27 27.51
C GLU A 459 -9.20 -17.00 27.64
N ASP A 460 -10.10 -16.98 28.62
CA ASP A 460 -11.07 -15.90 28.73
C ASP A 460 -10.45 -14.68 29.42
N GLU A 461 -9.17 -14.78 29.76
CA GLU A 461 -8.48 -13.61 30.26
C GLU A 461 -7.63 -12.92 29.20
N ILE A 462 -7.62 -13.49 28.00
CA ILE A 462 -6.85 -12.87 26.92
C ILE A 462 -7.36 -11.42 26.68
N TRP A 463 -8.67 -11.28 26.44
CA TRP A 463 -9.32 -10.00 26.22
C TRP A 463 -10.01 -9.54 27.50
N GLN A 464 -9.64 -8.37 27.95
CA GLN A 464 -10.03 -7.90 29.24
C GLN A 464 -10.61 -6.50 29.07
N SER A 465 -11.82 -6.29 29.60
CA SER A 465 -12.36 -4.94 29.64
C SER A 465 -11.75 -4.10 30.75
N GLU A 466 -12.00 -2.80 30.67
CA GLU A 466 -11.34 -1.84 31.52
C GLU A 466 -12.33 -1.04 32.34
N PRO A 467 -12.09 -0.90 33.66
CA PRO A 467 -12.91 0.02 34.48
C PRO A 467 -12.81 1.45 33.94
N GLU A 468 -13.94 2.17 33.95
CA GLU A 468 -13.98 3.56 33.51
C GLU A 468 -13.16 4.48 34.44
N SER A 469 -12.23 5.26 33.90
CA SER A 469 -11.55 6.32 34.67
C SER A 469 -12.55 7.07 35.58
N VAL A 470 -12.18 7.23 36.86
CA VAL A 470 -12.94 8.03 37.83
C VAL A 470 -12.63 9.53 37.61
N ASP A 471 -11.53 9.80 36.90
CA ASP A 471 -11.02 11.14 36.72
C ASP A 471 -11.47 11.80 35.42
N VAL A 472 -11.71 10.98 34.39
CA VAL A 472 -12.09 11.45 33.05
C VAL A 472 -13.34 10.72 32.60
N PRO A 473 -14.49 11.07 33.21
CA PRO A 473 -15.57 10.14 32.90
C PRO A 473 -16.28 10.46 31.59
N ALA A 474 -16.92 9.46 31.01
CA ALA A 474 -17.58 9.59 29.75
C ALA A 474 -19.08 10.05 29.85
N GLN A 475 -19.41 11.18 29.19
CA GLN A 475 -20.80 11.54 28.91
C GLN A 475 -21.25 10.77 27.66
N PRO A 476 -22.48 10.23 27.66
CA PRO A 476 -22.94 9.49 26.51
C PRO A 476 -23.09 10.42 25.31
N ILE A 477 -23.08 9.83 24.14
CA ILE A 477 -23.27 10.54 22.92
C ILE A 477 -24.76 10.41 22.63
N THR A 478 -25.49 11.50 22.74
CA THR A 478 -26.95 11.46 22.63
C THR A 478 -27.37 12.21 21.39
N THR A 479 -28.48 11.82 20.80
CA THR A 479 -29.07 12.61 19.71
C THR A 479 -30.43 13.18 20.09
N THR A 480 -30.96 14.06 19.27
CA THR A 480 -32.30 14.60 19.50
C THR A 480 -33.23 13.96 18.49
N PHE A 481 -34.52 13.96 18.83
CA PHE A 481 -35.57 13.44 17.95
C PHE A 481 -35.40 13.87 16.48
N LEU A 482 -35.32 15.17 16.24
CA LEU A 482 -35.29 15.66 14.87
C LEU A 482 -34.00 15.20 14.17
N GLU A 483 -32.87 15.26 14.89
CA GLU A 483 -31.63 14.63 14.42
C GLU A 483 -31.80 13.19 13.98
N ARG A 484 -32.56 12.43 14.74
CA ARG A 484 -32.85 11.05 14.36
C ARG A 484 -33.76 10.90 13.14
N HIS A 485 -34.79 11.73 13.02
CA HIS A 485 -35.86 11.48 12.06
C HIS A 485 -36.01 12.51 10.93
N LEU A 486 -35.19 13.55 10.91
CA LEU A 486 -35.29 14.46 9.79
C LEU A 486 -34.89 13.72 8.53
N PRO A 487 -35.64 13.85 7.43
CA PRO A 487 -35.25 13.13 6.21
C PRO A 487 -33.90 13.62 5.70
N SER A 488 -33.24 12.76 4.94
CA SER A 488 -32.12 13.17 4.12
C SER A 488 -32.65 14.06 2.98
N VAL A 489 -31.74 14.65 2.20
CA VAL A 489 -32.13 15.37 1.00
C VAL A 489 -32.94 14.48 0.00
N PRO A 490 -32.42 13.27 -0.35
CA PRO A 490 -33.31 12.56 -1.31
C PRO A 490 -34.61 12.06 -0.67
N GLY A 491 -34.57 11.82 0.63
CA GLY A 491 -35.76 11.40 1.40
C GLY A 491 -36.83 12.47 1.47
N LEU A 492 -36.40 13.73 1.46
CA LEU A 492 -37.30 14.84 1.34
C LEU A 492 -37.78 14.99 -0.12
N LEU A 493 -36.92 14.70 -1.07
CA LEU A 493 -37.32 14.75 -2.49
C LEU A 493 -38.38 13.70 -2.78
N ARG A 494 -38.26 12.57 -2.07
CA ARG A 494 -39.23 11.47 -2.10
C ARG A 494 -40.57 11.86 -1.46
N LEU A 495 -40.56 12.58 -0.33
CA LEU A 495 -41.81 13.09 0.26
C LEU A 495 -42.53 14.10 -0.64
N ILE A 496 -41.76 14.90 -1.37
CA ILE A 496 -42.29 15.87 -2.33
C ILE A 496 -42.95 15.19 -3.54
N GLY A 497 -42.29 14.16 -4.07
CA GLY A 497 -42.84 13.34 -5.13
C GLY A 497 -44.20 12.76 -4.80
N LEU A 498 -44.43 12.43 -3.52
CA LEU A 498 -45.64 11.73 -3.07
C LEU A 498 -46.92 12.57 -2.89
N THR A 499 -46.76 13.83 -2.46
CA THR A 499 -47.88 14.78 -2.43
C THR A 499 -48.23 15.22 -3.84
N THR A 500 -47.20 15.29 -4.68
CA THR A 500 -47.33 15.60 -6.11
C THR A 500 -47.81 14.39 -6.95
N ILE A 501 -48.08 13.26 -6.30
CA ILE A 501 -48.70 12.09 -6.96
C ILE A 501 -49.99 11.65 -6.24
N ASN B 3 34.71 -7.70 -0.31
CA ASN B 3 34.72 -6.28 0.20
C ASN B 3 34.58 -5.25 -0.95
N LYS B 4 35.65 -4.83 -1.62
CA LYS B 4 35.57 -3.60 -2.42
C LYS B 4 35.34 -3.84 -3.90
N CYS B 5 34.57 -2.97 -4.56
CA CYS B 5 34.32 -3.03 -6.01
C CYS B 5 33.79 -1.68 -6.43
N ASP B 6 33.55 -1.48 -7.73
CA ASP B 6 33.01 -0.21 -8.28
C ASP B 6 31.49 -0.03 -8.00
N VAL B 7 30.72 -1.11 -8.21
CA VAL B 7 29.25 -1.08 -8.07
C VAL B 7 28.70 -2.38 -7.53
N VAL B 8 27.99 -2.26 -6.41
CA VAL B 8 27.15 -3.31 -5.87
C VAL B 8 25.75 -3.18 -6.50
N VAL B 9 25.24 -4.26 -7.08
CA VAL B 9 23.84 -4.32 -7.56
C VAL B 9 23.10 -5.19 -6.59
N VAL B 10 22.00 -4.67 -6.04
CA VAL B 10 21.11 -5.43 -5.18
C VAL B 10 20.00 -6.08 -5.98
N GLY B 11 19.94 -7.41 -5.96
CA GLY B 11 18.99 -8.14 -6.77
C GLY B 11 19.58 -8.71 -8.04
N GLY B 12 19.41 -10.01 -8.20
CA GLY B 12 19.83 -10.70 -9.41
C GLY B 12 18.68 -11.26 -10.24
N GLY B 13 17.63 -10.47 -10.43
CA GLY B 13 16.52 -10.76 -11.35
C GLY B 13 16.99 -10.23 -12.69
N ILE B 14 16.14 -10.26 -13.74
CA ILE B 14 16.62 -9.75 -15.03
C ILE B 14 17.18 -8.32 -14.94
N SER B 15 16.58 -7.47 -14.10
CA SER B 15 17.04 -6.09 -14.04
C SER B 15 18.46 -6.00 -13.52
N GLY B 16 18.71 -6.62 -12.37
CA GLY B 16 20.00 -6.52 -11.72
C GLY B 16 21.07 -7.16 -12.57
N MET B 17 20.74 -8.32 -13.15
CA MET B 17 21.70 -8.97 -14.08
C MET B 17 22.04 -8.13 -15.29
N ALA B 18 21.03 -7.54 -15.93
CA ALA B 18 21.30 -6.71 -17.12
C ALA B 18 22.15 -5.46 -16.75
N ALA B 19 21.89 -4.84 -15.60
CA ALA B 19 22.74 -3.71 -15.19
C ALA B 19 24.18 -4.18 -14.95
N ALA B 20 24.36 -5.27 -14.25
CA ALA B 20 25.68 -5.76 -13.85
C ALA B 20 26.45 -6.18 -15.10
N LYS B 21 25.75 -6.78 -16.04
CA LYS B 21 26.39 -7.16 -17.29
C LYS B 21 26.91 -5.95 -18.09
N LEU B 22 26.08 -4.89 -18.18
CA LEU B 22 26.50 -3.72 -18.91
C LEU B 22 27.72 -3.09 -18.20
N LEU B 23 27.70 -2.95 -16.85
CA LEU B 23 28.84 -2.38 -16.11
C LEU B 23 30.13 -3.19 -16.28
N HIS B 24 29.99 -4.50 -16.23
CA HIS B 24 31.12 -5.40 -16.32
C HIS B 24 31.65 -5.33 -17.74
N ASP B 25 30.75 -5.24 -18.73
CA ASP B 25 31.19 -5.09 -20.12
C ASP B 25 31.94 -3.75 -20.38
N SER B 26 31.69 -2.73 -19.54
CA SER B 26 32.46 -1.46 -19.56
C SER B 26 33.79 -1.51 -18.83
N GLY B 27 34.09 -2.62 -18.18
CA GLY B 27 35.35 -2.70 -17.41
C GLY B 27 35.20 -2.38 -15.93
N LEU B 28 34.01 -2.04 -15.45
CA LEU B 28 33.83 -1.89 -14.02
C LEU B 28 33.76 -3.20 -13.25
N ASN B 29 34.21 -3.13 -12.00
CA ASN B 29 34.09 -4.26 -11.07
C ASN B 29 32.77 -4.28 -10.34
N VAL B 30 31.94 -5.28 -10.65
CA VAL B 30 30.62 -5.32 -10.05
C VAL B 30 30.46 -6.53 -9.19
N VAL B 31 29.57 -6.41 -8.23
CA VAL B 31 29.12 -7.52 -7.42
C VAL B 31 27.58 -7.46 -7.40
N VAL B 32 26.98 -8.65 -7.51
CA VAL B 32 25.55 -8.79 -7.45
C VAL B 32 25.23 -9.49 -6.17
N LEU B 33 24.44 -8.84 -5.34
CA LEU B 33 24.02 -9.47 -4.11
C LEU B 33 22.59 -9.95 -4.24
N GLU B 34 22.36 -11.24 -4.10
CA GLU B 34 21.08 -11.88 -4.42
C GLU B 34 20.55 -12.59 -3.18
N ALA B 35 19.32 -12.31 -2.79
CA ALA B 35 18.79 -12.75 -1.51
C ALA B 35 18.52 -14.26 -1.50
N ARG B 36 18.13 -14.79 -2.66
CA ARG B 36 17.74 -16.20 -2.79
C ARG B 36 18.94 -17.11 -3.07
N ASP B 37 18.69 -18.43 -3.05
CA ASP B 37 19.72 -19.37 -3.46
C ASP B 37 19.72 -19.54 -4.99
N ARG B 38 19.10 -18.60 -5.70
CA ARG B 38 18.94 -18.74 -7.16
C ARG B 38 18.85 -17.33 -7.72
N VAL B 39 19.18 -17.15 -9.01
CA VAL B 39 18.96 -15.89 -9.72
C VAL B 39 17.63 -15.96 -10.47
N GLY B 40 17.15 -14.84 -11.05
CA GLY B 40 15.92 -14.86 -11.88
C GLY B 40 14.76 -14.08 -11.28
N GLY B 41 14.70 -14.01 -9.96
CA GLY B 41 13.60 -13.31 -9.31
C GLY B 41 12.18 -13.81 -9.70
N ARG B 42 11.44 -12.92 -10.37
CA ARG B 42 10.08 -13.22 -10.77
C ARG B 42 10.04 -14.08 -12.01
N THR B 43 11.22 -14.41 -12.55
CA THR B 43 11.32 -15.50 -13.53
C THR B 43 11.89 -16.71 -12.82
N TYR B 44 11.42 -17.87 -13.19
CA TYR B 44 11.85 -19.07 -12.50
C TYR B 44 11.54 -20.23 -13.46
N THR B 45 12.56 -20.85 -14.02
CA THR B 45 12.32 -21.97 -14.90
C THR B 45 12.65 -23.26 -14.14
N LEU B 46 11.66 -24.14 -13.95
CA LEU B 46 11.88 -25.44 -13.28
C LEU B 46 12.09 -26.53 -14.31
N ARG B 47 13.10 -27.37 -14.10
CA ARG B 47 13.33 -28.55 -15.00
C ARG B 47 13.13 -29.86 -14.22
N ASN B 48 12.33 -30.78 -14.76
CA ASN B 48 12.28 -32.19 -14.34
C ASN B 48 11.93 -33.03 -15.56
N GLN B 49 11.95 -34.34 -15.39
CA GLN B 49 11.78 -35.21 -16.53
C GLN B 49 10.35 -35.13 -17.04
N LYS B 50 9.44 -34.79 -16.15
CA LYS B 50 8.03 -34.79 -16.51
C LYS B 50 7.72 -33.60 -17.36
N VAL B 51 8.34 -32.45 -17.11
CA VAL B 51 7.97 -31.25 -17.92
C VAL B 51 9.05 -30.86 -18.89
N LYS B 52 10.22 -31.51 -18.75
CA LYS B 52 11.47 -31.09 -19.37
C LYS B 52 11.87 -29.72 -18.81
N TYR B 53 11.17 -28.63 -19.17
CA TYR B 53 11.38 -27.33 -18.48
C TYR B 53 10.03 -26.62 -18.51
N VAL B 54 9.76 -25.80 -17.50
CA VAL B 54 8.51 -25.05 -17.46
C VAL B 54 8.75 -23.70 -16.74
N ASP B 55 8.33 -22.60 -17.38
CA ASP B 55 8.38 -21.28 -16.75
C ASP B 55 7.24 -21.16 -15.73
N LEU B 56 7.61 -20.87 -14.49
CA LEU B 56 6.69 -20.75 -13.37
C LEU B 56 6.46 -19.29 -12.99
N GLY B 57 7.38 -18.40 -13.46
CA GLY B 57 7.21 -16.92 -13.40
C GLY B 57 7.10 -16.31 -14.81
N GLY B 58 7.66 -15.12 -15.03
CA GLY B 58 7.58 -14.50 -16.35
C GLY B 58 8.06 -15.41 -17.49
N SER B 59 7.35 -15.38 -18.60
CA SER B 59 7.56 -16.35 -19.64
C SER B 59 7.49 -15.68 -21.04
N TYR B 60 6.48 -14.85 -21.26
CA TYR B 60 6.10 -14.41 -22.63
C TYR B 60 6.89 -13.19 -23.11
N VAL B 61 7.24 -13.18 -24.39
CA VAL B 61 7.87 -12.01 -25.02
C VAL B 61 7.19 -11.81 -26.36
N GLY B 62 7.28 -10.59 -26.89
CA GLY B 62 6.60 -10.27 -28.14
C GLY B 62 7.19 -9.10 -28.88
N PRO B 63 6.68 -8.82 -30.08
CA PRO B 63 7.20 -7.66 -30.85
C PRO B 63 7.15 -6.36 -30.01
N THR B 64 8.11 -5.44 -30.21
CA THR B 64 8.31 -4.14 -29.50
C THR B 64 9.13 -4.31 -28.24
N GLN B 65 9.32 -5.56 -27.84
CA GLN B 65 10.13 -5.79 -26.64
C GLN B 65 11.55 -6.13 -27.07
N ASN B 66 12.18 -5.18 -27.76
CA ASN B 66 13.40 -5.39 -28.45
C ASN B 66 14.63 -5.52 -27.51
N ARG B 67 14.58 -4.98 -26.30
CA ARG B 67 15.74 -5.09 -25.40
C ARG B 67 15.96 -6.51 -24.86
N ILE B 68 14.90 -7.07 -24.29
CA ILE B 68 14.96 -8.43 -23.75
C ILE B 68 15.28 -9.43 -24.87
N LEU B 69 14.68 -9.22 -26.03
CA LEU B 69 14.99 -10.06 -27.20
C LEU B 69 16.43 -9.93 -27.57
N ARG B 70 16.99 -8.72 -27.52
CA ARG B 70 18.39 -8.55 -27.87
C ARG B 70 19.32 -9.26 -26.86
N LEU B 71 19.16 -8.97 -25.58
CA LEU B 71 19.96 -9.56 -24.53
C LEU B 71 19.91 -11.10 -24.60
N ALA B 72 18.70 -11.63 -24.83
CA ALA B 72 18.51 -13.06 -24.86
C ALA B 72 19.26 -13.66 -26.05
N LYS B 73 19.15 -13.01 -27.22
CA LYS B 73 19.89 -13.43 -28.39
C LYS B 73 21.42 -13.49 -28.16
N GLU B 74 21.95 -12.43 -27.56
CA GLU B 74 23.36 -12.37 -27.25
C GLU B 74 23.77 -13.52 -26.30
N LEU B 75 22.86 -13.89 -25.39
CA LEU B 75 23.11 -15.03 -24.53
C LEU B 75 22.89 -16.42 -25.18
N GLY B 76 22.47 -16.44 -26.44
CA GLY B 76 22.34 -17.69 -27.20
C GLY B 76 20.98 -18.33 -27.09
N LEU B 77 19.99 -17.56 -26.67
CA LEU B 77 18.61 -18.03 -26.48
C LEU B 77 17.84 -17.80 -27.76
N GLU B 78 16.87 -18.68 -28.06
CA GLU B 78 15.93 -18.54 -29.21
C GLU B 78 14.47 -18.54 -28.72
N THR B 79 13.53 -18.05 -29.51
CA THR B 79 12.13 -18.07 -29.10
C THR B 79 11.38 -19.04 -29.99
N TYR B 80 10.18 -19.35 -29.57
CA TYR B 80 9.25 -20.04 -30.40
C TYR B 80 7.93 -19.31 -30.13
N LYS B 81 6.99 -19.51 -31.05
CA LYS B 81 5.66 -18.92 -31.04
C LYS B 81 4.68 -19.71 -30.21
N VAL B 82 3.95 -19.02 -29.33
CA VAL B 82 2.87 -19.61 -28.56
C VAL B 82 1.79 -20.09 -29.53
N ASN B 83 1.20 -21.28 -29.31
CA ASN B 83 0.19 -21.80 -30.24
C ASN B 83 -1.10 -20.95 -30.31
N GLU B 84 -1.31 -20.32 -31.48
CA GLU B 84 -2.54 -19.61 -31.72
C GLU B 84 -3.12 -19.99 -33.09
N VAL B 85 -2.82 -21.18 -33.60
CA VAL B 85 -3.31 -21.62 -34.92
C VAL B 85 -4.82 -21.78 -34.95
N GLU B 86 -5.39 -22.43 -33.94
CA GLU B 86 -6.76 -22.76 -33.97
C GLU B 86 -7.54 -21.64 -33.22
N ARG B 87 -8.81 -21.89 -32.90
CA ARG B 87 -9.69 -20.85 -32.44
C ARG B 87 -9.57 -20.63 -30.95
N LEU B 88 -9.65 -19.37 -30.56
CA LEU B 88 -9.63 -18.99 -29.17
C LEU B 88 -11.01 -19.26 -28.66
N ILE B 89 -11.15 -19.31 -27.33
CA ILE B 89 -12.48 -19.51 -26.70
C ILE B 89 -12.78 -18.43 -25.66
N HIS B 90 -13.97 -17.84 -25.76
CA HIS B 90 -14.60 -17.02 -24.74
C HIS B 90 -15.73 -17.81 -24.05
N HIS B 91 -15.59 -18.04 -22.74
CA HIS B 91 -16.61 -18.76 -22.00
C HIS B 91 -17.34 -17.83 -21.04
N VAL B 92 -18.64 -17.72 -21.24
CA VAL B 92 -19.48 -16.71 -20.56
C VAL B 92 -20.87 -17.31 -20.27
N LYS B 93 -21.33 -17.10 -19.03
CA LYS B 93 -22.58 -17.67 -18.50
C LYS B 93 -22.70 -19.14 -18.93
N GLY B 94 -21.60 -19.86 -18.72
CA GLY B 94 -21.58 -21.30 -18.79
C GLY B 94 -21.44 -21.91 -20.15
N LYS B 95 -20.94 -21.13 -21.12
CA LYS B 95 -20.95 -21.60 -22.54
C LYS B 95 -19.74 -21.10 -23.37
N SER B 96 -19.17 -22.00 -24.18
CA SER B 96 -18.00 -21.60 -24.92
C SER B 96 -18.39 -21.00 -26.26
N TYR B 97 -17.74 -19.89 -26.59
CA TYR B 97 -17.91 -19.24 -27.86
C TYR B 97 -16.52 -19.14 -28.48
N PRO B 98 -16.29 -19.96 -29.50
CA PRO B 98 -15.02 -19.95 -30.18
C PRO B 98 -14.94 -18.75 -31.12
N PHE B 99 -13.75 -18.21 -31.30
CA PHE B 99 -13.56 -17.02 -32.15
C PHE B 99 -12.15 -16.99 -32.66
N ARG B 100 -11.96 -16.19 -33.69
CA ARG B 100 -10.63 -15.95 -34.23
C ARG B 100 -10.40 -14.45 -34.16
N GLY B 101 -9.14 -14.02 -34.20
CA GLY B 101 -8.81 -12.61 -34.04
C GLY B 101 -8.57 -12.28 -32.58
N PRO B 102 -8.05 -11.07 -32.29
CA PRO B 102 -7.70 -10.72 -30.92
C PRO B 102 -8.84 -10.73 -29.88
N PHE B 103 -9.91 -9.94 -30.11
CA PHE B 103 -10.99 -9.80 -29.12
C PHE B 103 -12.22 -10.63 -29.45
N PRO B 104 -12.94 -11.13 -28.41
CA PRO B 104 -14.12 -11.95 -28.66
C PRO B 104 -15.22 -11.10 -29.29
N PRO B 105 -15.82 -11.58 -30.38
CA PRO B 105 -16.79 -10.72 -31.07
C PRO B 105 -18.04 -10.63 -30.20
N VAL B 106 -18.78 -9.52 -30.35
CA VAL B 106 -20.00 -9.26 -29.60
C VAL B 106 -21.08 -8.98 -30.64
N TRP B 107 -22.25 -9.55 -30.41
CA TRP B 107 -23.30 -9.58 -31.42
C TRP B 107 -24.44 -8.59 -31.19
N ASN B 108 -24.95 -8.50 -29.97
CA ASN B 108 -25.94 -7.48 -29.63
C ASN B 108 -25.41 -6.06 -29.97
N PRO B 109 -26.22 -5.26 -30.69
CA PRO B 109 -25.72 -3.97 -31.27
C PRO B 109 -25.33 -2.92 -30.24
N ILE B 110 -26.06 -2.85 -29.12
CA ILE B 110 -25.77 -1.92 -28.01
C ILE B 110 -24.51 -2.31 -27.23
N THR B 111 -24.48 -3.56 -26.77
CA THR B 111 -23.33 -4.22 -26.17
C THR B 111 -22.10 -4.02 -27.03
N TYR B 112 -22.29 -4.20 -28.34
CA TYR B 112 -21.25 -3.92 -29.32
C TYR B 112 -20.69 -2.50 -29.27
N LEU B 113 -21.58 -1.50 -29.30
CA LEU B 113 -21.19 -0.10 -29.18
C LEU B 113 -20.45 0.11 -27.87
N ASP B 114 -20.95 -0.50 -26.79
CA ASP B 114 -20.37 -0.40 -25.47
C ASP B 114 -18.95 -1.00 -25.38
N HIS B 115 -18.73 -2.18 -25.96
CA HIS B 115 -17.42 -2.83 -25.96
C HIS B 115 -16.47 -2.06 -26.82
N ASN B 116 -16.90 -1.69 -28.02
CA ASN B 116 -16.06 -0.93 -28.90
C ASN B 116 -15.57 0.36 -28.20
N ASN B 117 -16.49 1.05 -27.53
CA ASN B 117 -16.22 2.31 -26.89
C ASN B 117 -15.26 2.15 -25.73
N PHE B 118 -15.43 1.06 -24.99
CA PHE B 118 -14.57 0.88 -23.87
C PHE B 118 -13.11 0.78 -24.29
N TRP B 119 -12.80 -0.06 -25.28
CA TRP B 119 -11.42 -0.25 -25.69
C TRP B 119 -10.83 0.99 -26.31
N ARG B 120 -11.61 1.60 -27.21
CA ARG B 120 -11.20 2.84 -27.88
C ARG B 120 -10.91 3.94 -26.89
N THR B 121 -11.77 4.07 -25.85
CA THR B 121 -11.59 5.12 -24.81
C THR B 121 -10.38 4.90 -23.94
N MET B 122 -10.09 3.63 -23.64
CA MET B 122 -8.86 3.32 -22.91
C MET B 122 -7.62 3.81 -23.68
N ASP B 123 -7.58 3.57 -25.00
CA ASP B 123 -6.45 4.03 -25.82
C ASP B 123 -6.40 5.54 -26.05
N ASP B 124 -7.54 6.22 -26.15
CA ASP B 124 -7.55 7.70 -26.35
C ASP B 124 -7.13 8.34 -25.05
N MET B 125 -7.57 7.77 -23.92
CA MET B 125 -7.11 8.34 -22.62
C MET B 125 -5.61 8.16 -22.48
N GLY B 126 -5.06 7.05 -22.99
CA GLY B 126 -3.64 6.77 -22.87
C GLY B 126 -2.77 7.74 -23.67
N ARG B 127 -3.31 8.21 -24.80
CA ARG B 127 -2.62 9.14 -25.68
C ARG B 127 -2.26 10.44 -24.98
N GLU B 128 -2.87 10.75 -23.84
CA GLU B 128 -2.57 11.98 -23.07
C GLU B 128 -1.65 11.71 -21.87
N ILE B 129 -1.11 10.50 -21.81
CA ILE B 129 -0.30 10.14 -20.64
C ILE B 129 1.12 9.89 -21.10
N PRO B 130 2.05 10.78 -20.71
CA PRO B 130 3.45 10.59 -21.10
C PRO B 130 4.01 9.31 -20.45
N SER B 131 4.62 8.43 -21.26
CA SER B 131 5.28 7.21 -20.74
C SER B 131 6.26 7.41 -19.60
N ASP B 132 7.09 8.44 -19.72
CA ASP B 132 8.13 8.69 -18.73
C ASP B 132 7.72 9.56 -17.55
N ALA B 133 6.44 9.97 -17.50
CA ALA B 133 5.95 10.82 -16.42
C ALA B 133 4.45 10.84 -16.47
N PRO B 134 3.78 9.70 -16.17
CA PRO B 134 2.28 9.69 -16.21
C PRO B 134 1.63 10.80 -15.36
N TRP B 135 2.34 11.28 -14.34
CA TRP B 135 1.77 12.29 -13.42
C TRP B 135 1.68 13.67 -14.10
N LYS B 136 2.08 13.74 -15.37
CA LYS B 136 1.99 14.95 -16.17
C LYS B 136 0.85 14.88 -17.18
N ALA B 137 0.01 13.84 -17.10
CA ALA B 137 -1.18 13.81 -17.91
C ALA B 137 -2.03 15.03 -17.53
N PRO B 138 -2.66 15.70 -18.53
CA PRO B 138 -3.50 16.86 -18.25
C PRO B 138 -4.46 16.62 -17.09
N LEU B 139 -5.09 15.46 -17.11
CA LEU B 139 -6.04 15.04 -16.06
C LEU B 139 -5.43 14.12 -15.00
N ALA B 140 -4.11 14.21 -14.79
CA ALA B 140 -3.49 13.22 -13.91
C ALA B 140 -4.25 13.05 -12.57
N GLU B 141 -4.55 14.14 -11.87
CA GLU B 141 -5.17 14.04 -10.53
C GLU B 141 -6.54 13.40 -10.62
N GLU B 142 -7.33 13.87 -11.57
CA GLU B 142 -8.68 13.34 -11.74
C GLU B 142 -8.61 11.82 -11.96
N TRP B 143 -7.78 11.37 -12.91
CA TRP B 143 -7.70 9.93 -13.20
C TRP B 143 -7.07 9.16 -12.03
N ASP B 144 -6.11 9.76 -11.33
CA ASP B 144 -5.41 9.08 -10.20
C ASP B 144 -6.28 8.93 -8.96
N ASN B 145 -7.33 9.76 -8.90
CA ASN B 145 -8.20 9.87 -7.72
C ASN B 145 -9.39 8.95 -7.77
N MET B 146 -9.43 8.18 -8.83
CA MET B 146 -10.46 7.17 -8.99
C MET B 146 -9.82 5.82 -9.32
N THR B 147 -10.49 4.74 -8.89
CA THR B 147 -10.02 3.41 -9.18
C THR B 147 -10.51 3.01 -10.55
N MET B 148 -9.91 1.97 -11.14
CA MET B 148 -10.41 1.43 -12.38
C MET B 148 -11.84 0.95 -12.25
N LYS B 149 -12.23 0.48 -11.06
CA LYS B 149 -13.62 0.15 -10.85
C LYS B 149 -14.58 1.29 -11.21
N GLU B 150 -14.32 2.49 -10.66
CA GLU B 150 -15.10 3.71 -10.93
C GLU B 150 -15.09 4.12 -12.41
N LEU B 151 -13.92 4.12 -13.02
CA LEU B 151 -13.86 4.36 -14.44
C LEU B 151 -14.76 3.37 -15.19
N LEU B 152 -14.67 2.08 -14.85
CA LEU B 152 -15.53 1.09 -15.47
C LEU B 152 -17.04 1.30 -15.19
N ASP B 153 -17.40 1.65 -13.94
CA ASP B 153 -18.81 1.98 -13.67
C ASP B 153 -19.27 3.12 -14.58
N LYS B 154 -18.40 4.07 -14.88
CA LYS B 154 -18.73 5.24 -15.70
C LYS B 154 -18.85 4.94 -17.20
N LEU B 155 -17.87 4.22 -17.76
CA LEU B 155 -17.80 3.99 -19.21
C LEU B 155 -18.73 2.94 -19.71
N CYS B 156 -18.87 1.87 -18.95
CA CYS B 156 -19.48 0.67 -19.49
C CYS B 156 -20.94 0.76 -19.25
N TRP B 157 -21.73 0.80 -20.32
CA TRP B 157 -23.20 0.86 -20.13
C TRP B 157 -23.88 -0.52 -20.00
N THR B 158 -23.12 -1.59 -20.27
CA THR B 158 -23.62 -2.95 -20.24
C THR B 158 -22.78 -3.79 -19.28
N GLU B 159 -23.44 -4.75 -18.64
CA GLU B 159 -22.78 -5.75 -17.78
C GLU B 159 -21.74 -6.60 -18.52
N SER B 160 -22.07 -7.01 -19.73
CA SER B 160 -21.14 -7.62 -20.67
C SER B 160 -19.83 -6.86 -20.83
N ALA B 161 -19.86 -5.57 -21.18
CA ALA B 161 -18.59 -4.83 -21.33
C ALA B 161 -17.84 -4.80 -20.01
N LYS B 162 -18.55 -4.45 -18.92
CA LYS B 162 -17.92 -4.30 -17.61
C LYS B 162 -17.24 -5.58 -17.14
N GLN B 163 -17.80 -6.73 -17.46
CA GLN B 163 -17.23 -7.98 -16.98
C GLN B 163 -15.95 -8.33 -17.77
N LEU B 164 -16.02 -8.16 -19.09
CA LEU B 164 -14.85 -8.39 -19.90
C LEU B 164 -13.72 -7.40 -19.51
N ALA B 165 -14.09 -6.14 -19.27
CA ALA B 165 -13.14 -5.11 -18.86
C ALA B 165 -12.51 -5.47 -17.51
N THR B 166 -13.34 -6.01 -16.62
CA THR B 166 -12.88 -6.41 -15.29
C THR B 166 -11.83 -7.50 -15.45
N LEU B 167 -12.14 -8.51 -16.27
CA LEU B 167 -11.25 -9.63 -16.46
C LEU B 167 -9.96 -9.12 -17.10
N PHE B 168 -10.10 -8.21 -18.07
CA PHE B 168 -8.93 -7.53 -18.66
C PHE B 168 -7.99 -6.89 -17.63
N VAL B 169 -8.52 -6.12 -16.69
CA VAL B 169 -7.72 -5.53 -15.62
C VAL B 169 -7.08 -6.58 -14.74
N ASN B 170 -7.86 -7.60 -14.35
CA ASN B 170 -7.38 -8.66 -13.46
C ASN B 170 -6.18 -9.38 -14.13
N LEU B 171 -6.31 -9.66 -15.42
CA LEU B 171 -5.26 -10.37 -16.18
C LEU B 171 -3.97 -9.52 -16.36
N CYS B 172 -4.14 -8.24 -16.69
CA CYS B 172 -3.01 -7.38 -16.99
C CYS B 172 -2.20 -7.10 -15.75
N VAL B 173 -2.84 -6.86 -14.63
CA VAL B 173 -2.11 -6.40 -13.44
C VAL B 173 -2.37 -7.17 -12.14
N THR B 174 -2.95 -8.36 -12.28
CA THR B 174 -3.23 -9.26 -11.15
C THR B 174 -3.79 -8.54 -9.88
N ALA B 175 -4.80 -7.70 -10.07
CA ALA B 175 -5.31 -6.85 -9.00
C ALA B 175 -6.75 -6.55 -9.35
N GLU B 176 -7.56 -6.21 -8.36
CA GLU B 176 -8.99 -6.03 -8.63
C GLU B 176 -9.18 -4.64 -9.22
N THR B 177 -10.30 -4.37 -9.91
CA THR B 177 -10.49 -3.06 -10.52
C THR B 177 -10.52 -1.98 -9.37
N HIS B 178 -11.09 -2.32 -8.23
CA HIS B 178 -11.17 -1.35 -7.09
C HIS B 178 -9.85 -1.16 -6.32
N GLU B 179 -8.85 -1.98 -6.60
CA GLU B 179 -7.56 -1.83 -5.92
C GLU B 179 -6.63 -0.78 -6.48
N VAL B 180 -6.82 -0.44 -7.78
CA VAL B 180 -5.82 0.24 -8.59
C VAL B 180 -6.32 1.60 -9.09
N SER B 181 -5.40 2.54 -9.17
CA SER B 181 -5.60 3.83 -9.79
C SER B 181 -5.92 3.70 -11.26
N ALA B 182 -6.92 4.45 -11.70
CA ALA B 182 -7.26 4.55 -13.12
C ALA B 182 -6.13 5.16 -13.89
N LEU B 183 -5.52 6.20 -13.34
CA LEU B 183 -4.36 6.76 -14.02
C LEU B 183 -3.22 5.73 -14.23
N TRP B 184 -2.87 5.03 -13.14
CA TRP B 184 -1.78 4.11 -13.20
C TRP B 184 -2.14 3.02 -14.24
N PHE B 185 -3.34 2.49 -14.15
CA PHE B 185 -3.73 1.43 -15.11
C PHE B 185 -3.72 1.88 -16.57
N LEU B 186 -4.17 3.08 -16.80
CA LEU B 186 -4.20 3.62 -18.15
C LEU B 186 -2.81 3.84 -18.71
N TRP B 187 -1.89 4.22 -17.84
CA TRP B 187 -0.48 4.39 -18.18
C TRP B 187 0.14 3.01 -18.41
N TYR B 188 -0.17 2.04 -17.53
CA TYR B 188 0.38 0.68 -17.62
C TYR B 188 0.06 0.14 -19.03
N VAL B 189 -1.19 0.26 -19.46
CA VAL B 189 -1.56 -0.22 -20.79
C VAL B 189 -0.88 0.57 -21.89
N LYS B 190 -0.91 1.90 -21.80
CA LYS B 190 -0.31 2.78 -22.83
C LYS B 190 1.18 2.50 -23.00
N GLN B 191 1.89 2.29 -21.89
CA GLN B 191 3.31 2.09 -21.97
C GLN B 191 3.70 0.66 -22.49
N CYS B 192 2.72 -0.22 -22.73
CA CYS B 192 2.90 -1.49 -23.46
C CYS B 192 2.47 -1.42 -24.93
N GLY B 193 2.12 -0.22 -25.39
CA GLY B 193 1.68 0.02 -26.76
C GLY B 193 0.16 -0.02 -27.05
N GLY B 194 -0.67 -0.02 -26.00
CA GLY B 194 -2.12 -0.01 -26.17
C GLY B 194 -2.79 -1.35 -25.86
N THR B 195 -4.13 -1.34 -25.86
CA THR B 195 -4.98 -2.49 -25.49
C THR B 195 -4.68 -3.73 -26.36
N THR B 196 -4.56 -3.53 -27.68
CA THR B 196 -4.32 -4.61 -28.65
C THR B 196 -3.01 -5.30 -28.42
N ARG B 197 -1.95 -4.48 -28.38
CA ARG B 197 -0.57 -4.96 -28.21
C ARG B 197 -0.42 -5.71 -26.90
N ILE B 198 -1.03 -5.17 -25.83
CA ILE B 198 -0.92 -5.82 -24.53
C ILE B 198 -1.71 -7.14 -24.44
N ALA B 199 -2.86 -7.21 -25.10
CA ALA B 199 -3.73 -8.38 -24.97
C ALA B 199 -3.47 -9.42 -26.06
N SER B 200 -2.71 -9.08 -27.08
CA SER B 200 -2.55 -10.02 -28.20
C SER B 200 -1.45 -11.12 -28.00
N THR B 201 -1.63 -12.25 -28.67
CA THR B 201 -0.63 -13.31 -28.76
C THR B 201 0.00 -13.00 -30.09
N THR B 202 -0.65 -13.31 -31.23
CA THR B 202 0.00 -12.95 -32.51
C THR B 202 0.23 -11.47 -32.55
N ASN B 203 1.49 -11.03 -32.74
CA ASN B 203 1.77 -9.59 -32.88
C ASN B 203 1.59 -8.80 -31.56
N GLY B 204 1.45 -9.50 -30.46
CA GLY B 204 1.40 -8.84 -29.17
C GLY B 204 2.37 -9.36 -28.11
N GLY B 205 2.13 -8.98 -26.87
CA GLY B 205 2.94 -9.36 -25.76
C GLY B 205 3.02 -10.86 -25.41
N GLN B 206 2.06 -11.67 -25.83
CA GLN B 206 2.14 -13.10 -25.61
C GLN B 206 2.61 -13.88 -26.84
N GLU B 207 3.28 -13.22 -27.75
CA GLU B 207 3.64 -13.93 -28.96
C GLU B 207 4.55 -15.15 -28.72
N ARG B 208 5.51 -15.05 -27.79
CA ARG B 208 6.63 -15.97 -27.80
C ARG B 208 7.08 -16.35 -26.42
N LYS B 209 7.70 -17.52 -26.34
CA LYS B 209 8.38 -17.97 -25.14
C LYS B 209 9.81 -18.31 -25.54
N PHE B 210 10.71 -18.29 -24.58
CA PHE B 210 12.08 -18.79 -24.79
C PHE B 210 12.25 -20.28 -24.76
N VAL B 211 12.96 -20.80 -25.77
CA VAL B 211 13.17 -22.25 -25.82
C VAL B 211 14.03 -22.58 -24.58
N GLY B 212 13.60 -23.50 -23.72
CA GLY B 212 14.37 -23.82 -22.51
C GLY B 212 14.04 -22.95 -21.27
N GLY B 213 13.24 -21.90 -21.44
CA GLY B 213 12.84 -21.09 -20.28
C GLY B 213 13.47 -19.72 -20.22
N SER B 214 12.69 -18.75 -19.75
CA SER B 214 13.18 -17.41 -19.48
C SER B 214 14.21 -17.36 -18.33
N GLY B 215 14.21 -18.33 -17.43
CA GLY B 215 15.20 -18.36 -16.34
C GLY B 215 16.65 -18.31 -16.82
N GLN B 216 16.86 -18.79 -18.04
CA GLN B 216 18.18 -18.79 -18.68
C GLN B 216 18.75 -17.42 -18.88
N VAL B 217 17.91 -16.42 -19.09
CA VAL B 217 18.41 -15.06 -19.22
C VAL B 217 19.26 -14.73 -17.98
N SER B 218 18.70 -14.82 -16.78
CA SER B 218 19.47 -14.48 -15.61
C SER B 218 20.57 -15.52 -15.30
N GLU B 219 20.29 -16.80 -15.50
CA GLU B 219 21.29 -17.86 -15.23
C GLU B 219 22.51 -17.67 -16.10
N ARG B 220 22.33 -17.35 -17.38
CA ARG B 220 23.45 -17.17 -18.31
C ARG B 220 24.27 -15.92 -18.03
N ILE B 221 23.62 -14.85 -17.54
CA ILE B 221 24.38 -13.69 -17.06
C ILE B 221 25.12 -14.07 -15.77
N MET B 222 24.55 -14.86 -14.89
CA MET B 222 25.31 -15.33 -13.75
C MET B 222 26.54 -16.17 -14.15
N ASP B 223 26.43 -16.97 -15.20
CA ASP B 223 27.55 -17.75 -15.70
C ASP B 223 28.68 -16.83 -16.19
N LEU B 224 28.32 -15.75 -16.91
CA LEU B 224 29.33 -14.79 -17.33
C LEU B 224 30.03 -14.21 -16.10
N LEU B 225 29.24 -13.83 -15.12
CA LEU B 225 29.77 -13.05 -14.02
C LEU B 225 30.54 -13.93 -13.01
N GLY B 226 30.30 -15.26 -13.01
CA GLY B 226 30.95 -16.19 -12.07
C GLY B 226 30.69 -15.78 -10.64
N ASP B 227 31.76 -15.73 -9.84
CA ASP B 227 31.64 -15.56 -8.39
C ASP B 227 31.39 -14.12 -8.01
N ARG B 228 31.23 -13.27 -8.99
CA ARG B 228 30.79 -11.90 -8.74
C ARG B 228 29.34 -11.82 -8.23
N VAL B 229 28.58 -12.90 -8.42
CA VAL B 229 27.21 -13.01 -7.99
C VAL B 229 27.26 -13.79 -6.67
N LYS B 230 26.61 -13.27 -5.64
CA LYS B 230 26.67 -13.82 -4.30
C LYS B 230 25.24 -14.22 -3.96
N LEU B 231 24.96 -15.54 -3.95
CA LEU B 231 23.61 -16.07 -3.71
C LEU B 231 23.41 -16.14 -2.24
N GLU B 232 22.15 -16.06 -1.78
CA GLU B 232 21.83 -16.09 -0.34
C GLU B 232 22.54 -14.96 0.40
N ARG B 233 22.59 -13.79 -0.23
CA ARG B 233 23.08 -12.56 0.38
C ARG B 233 21.98 -11.49 0.34
N PRO B 234 20.95 -11.64 1.24
CA PRO B 234 19.93 -10.60 1.31
C PRO B 234 20.59 -9.33 1.85
N VAL B 235 20.51 -8.22 1.12
CA VAL B 235 20.93 -6.92 1.66
C VAL B 235 20.01 -6.47 2.78
N ILE B 236 20.62 -6.03 3.89
CA ILE B 236 19.91 -5.60 5.12
C ILE B 236 20.17 -4.11 5.47
N TYR B 237 21.25 -3.53 4.96
CA TYR B 237 21.74 -2.30 5.48
C TYR B 237 22.57 -1.61 4.42
N ILE B 238 22.24 -0.35 4.17
CA ILE B 238 23.05 0.40 3.27
C ILE B 238 23.50 1.73 3.90
N ASP B 239 24.80 1.93 4.05
CA ASP B 239 25.34 3.18 4.68
C ASP B 239 26.06 4.08 3.66
N GLN B 240 25.48 5.26 3.46
CA GLN B 240 26.05 6.24 2.56
C GLN B 240 26.72 7.41 3.27
N THR B 241 27.08 7.26 4.55
CA THR B 241 27.61 8.41 5.31
C THR B 241 29.08 8.71 4.95
N ARG B 242 29.82 7.67 4.54
CA ARG B 242 31.26 7.79 4.26
C ARG B 242 31.56 7.96 2.77
N GLU B 243 32.85 8.01 2.46
CA GLU B 243 33.33 8.26 1.12
C GLU B 243 32.96 7.13 0.16
N ASN B 244 33.13 5.90 0.63
CA ASN B 244 32.63 4.71 -0.07
C ASN B 244 31.25 4.33 0.45
N VAL B 245 30.37 3.80 -0.42
CA VAL B 245 29.08 3.27 0.02
C VAL B 245 29.29 1.90 0.65
N LEU B 246 28.69 1.66 1.82
CA LEU B 246 28.81 0.36 2.46
C LEU B 246 27.48 -0.41 2.43
N VAL B 247 27.52 -1.69 2.05
CA VAL B 247 26.31 -2.49 1.92
C VAL B 247 26.53 -3.73 2.73
N GLU B 248 25.61 -4.02 3.62
CA GLU B 248 25.80 -5.22 4.43
C GLU B 248 24.70 -6.22 4.13
N THR B 249 25.04 -7.50 4.20
CA THR B 249 24.07 -8.57 4.01
C THR B 249 23.78 -9.30 5.31
N LEU B 250 22.69 -10.07 5.28
CA LEU B 250 22.14 -10.78 6.44
C LEU B 250 23.12 -11.69 7.20
N ASN B 251 23.92 -12.46 6.45
CA ASN B 251 25.01 -13.28 7.00
C ASN B 251 26.31 -12.48 7.20
N HIS B 252 26.19 -11.18 7.44
CA HIS B 252 27.28 -10.28 7.90
C HIS B 252 28.42 -9.87 6.94
N GLU B 253 28.32 -10.25 5.67
CA GLU B 253 29.28 -9.76 4.71
C GLU B 253 29.13 -8.26 4.46
N MET B 254 30.24 -7.61 4.14
CA MET B 254 30.32 -6.18 3.87
C MET B 254 30.91 -5.95 2.52
N TYR B 255 30.27 -5.10 1.75
CA TYR B 255 30.70 -4.77 0.41
C TYR B 255 30.84 -3.26 0.38
N GLU B 256 31.83 -2.78 -0.33
CA GLU B 256 32.14 -1.37 -0.35
C GLU B 256 32.27 -1.01 -1.82
N ALA B 257 31.64 0.08 -2.20
CA ALA B 257 31.55 0.46 -3.60
C ALA B 257 31.39 1.97 -3.76
N LYS B 258 31.63 2.44 -4.96
CA LYS B 258 31.46 3.85 -5.23
C LYS B 258 29.95 4.15 -5.41
N TYR B 259 29.19 3.15 -5.89
CA TYR B 259 27.74 3.31 -6.23
C TYR B 259 26.95 1.98 -6.07
N VAL B 260 25.64 2.10 -5.88
CA VAL B 260 24.77 0.95 -5.71
C VAL B 260 23.63 1.05 -6.73
N ILE B 261 23.22 -0.08 -7.28
CA ILE B 261 21.99 -0.11 -8.07
C ILE B 261 21.06 -0.99 -7.29
N SER B 262 19.89 -0.42 -6.98
CA SER B 262 18.77 -1.14 -6.35
C SER B 262 17.91 -1.74 -7.44
N ALA B 263 17.87 -3.08 -7.53
CA ALA B 263 17.18 -3.73 -8.66
C ALA B 263 16.11 -4.65 -8.11
N ILE B 264 15.43 -4.16 -7.08
CA ILE B 264 14.43 -4.91 -6.38
C ILE B 264 13.09 -4.16 -6.53
N PRO B 265 11.97 -4.87 -6.42
CA PRO B 265 10.72 -4.13 -6.48
C PRO B 265 10.69 -3.03 -5.44
N PRO B 266 10.13 -1.87 -5.79
CA PRO B 266 10.17 -0.73 -4.88
C PRO B 266 9.85 -1.08 -3.43
N THR B 267 8.76 -1.79 -3.18
CA THR B 267 8.39 -2.02 -1.79
C THR B 267 9.43 -2.86 -1.04
N LEU B 268 10.21 -3.67 -1.75
CA LEU B 268 11.19 -4.51 -1.10
C LEU B 268 12.36 -3.76 -0.53
N GLY B 269 12.50 -2.49 -0.94
CA GLY B 269 13.36 -1.51 -0.27
C GLY B 269 13.15 -1.38 1.22
N MET B 270 11.97 -1.77 1.68
CA MET B 270 11.62 -1.71 3.10
CA MET B 270 11.66 -1.66 3.10
C MET B 270 12.50 -2.63 3.92
N LYS B 271 12.90 -3.74 3.31
CA LYS B 271 13.78 -4.73 3.95
C LYS B 271 15.19 -4.23 4.29
N ILE B 272 15.56 -3.08 3.74
CA ILE B 272 16.89 -2.55 3.90
C ILE B 272 16.82 -1.38 4.88
N HIS B 273 17.74 -1.35 5.85
CA HIS B 273 17.83 -0.20 6.75
C HIS B 273 18.87 0.77 6.16
N PHE B 274 18.55 2.06 6.13
CA PHE B 274 19.35 3.01 5.40
C PHE B 274 19.97 3.98 6.36
N ASN B 275 21.21 4.35 6.08
CA ASN B 275 21.84 5.35 6.88
C ASN B 275 22.54 6.24 5.86
N PRO B 276 22.15 7.55 5.80
CA PRO B 276 21.13 8.21 6.66
C PRO B 276 19.73 7.75 6.28
N PRO B 277 18.71 8.10 7.06
CA PRO B 277 17.40 7.71 6.54
C PRO B 277 17.19 8.14 5.08
N LEU B 278 16.30 7.44 4.37
CA LEU B 278 15.87 7.89 3.01
C LEU B 278 15.18 9.25 3.09
N PRO B 279 15.22 10.04 1.98
CA PRO B 279 14.39 11.22 1.99
C PRO B 279 12.92 10.82 2.21
N MET B 280 12.13 11.73 2.76
CA MET B 280 10.75 11.48 3.15
C MET B 280 9.87 10.86 2.08
N MET B 281 9.98 11.36 0.85
CA MET B 281 9.04 10.94 -0.16
C MET B 281 9.30 9.49 -0.53
N ARG B 282 10.55 9.13 -0.70
CA ARG B 282 10.91 7.68 -0.85
C ARG B 282 10.54 6.82 0.35
N ASN B 283 10.87 7.30 1.56
CA ASN B 283 10.51 6.56 2.79
C ASN B 283 9.03 6.14 2.81
N GLN B 284 8.15 7.05 2.36
CA GLN B 284 6.74 6.77 2.39
C GLN B 284 6.32 6.00 1.10
N MET B 285 6.90 6.33 -0.03
CA MET B 285 6.54 5.65 -1.31
C MET B 285 6.56 4.14 -1.24
N ILE B 286 7.59 3.65 -0.55
CA ILE B 286 7.97 2.26 -0.60
C ILE B 286 7.12 1.40 0.34
N THR B 287 6.23 2.06 1.12
CA THR B 287 5.13 1.45 1.87
C THR B 287 3.81 1.54 1.05
N ARG B 288 3.83 2.18 -0.10
CA ARG B 288 2.56 2.49 -0.79
C ARG B 288 2.31 1.64 -2.06
N VAL B 289 3.16 0.68 -2.32
CA VAL B 289 3.25 0.10 -3.67
C VAL B 289 3.30 -1.43 -3.62
N PRO B 290 2.15 -2.07 -3.44
CA PRO B 290 2.24 -3.55 -3.29
C PRO B 290 2.38 -4.20 -4.67
N LEU B 291 2.59 -5.52 -4.71
CA LEU B 291 2.55 -6.24 -6.01
C LEU B 291 1.28 -7.05 -6.07
N GLY B 292 0.88 -7.47 -7.27
CA GLY B 292 -0.36 -8.27 -7.44
C GLY B 292 -0.27 -9.69 -6.89
N SER B 293 -1.38 -10.43 -7.01
CA SER B 293 -1.50 -11.79 -6.48
C SER B 293 -1.86 -12.73 -7.64
N VAL B 294 -1.09 -13.81 -7.79
CA VAL B 294 -1.29 -14.76 -8.86
C VAL B 294 -0.68 -16.10 -8.45
N ILE B 295 -1.37 -17.18 -8.83
CA ILE B 295 -0.80 -18.52 -8.93
C ILE B 295 -0.78 -18.90 -10.40
N LYS B 296 0.40 -19.30 -10.88
CA LYS B 296 0.55 -19.78 -12.25
C LYS B 296 0.48 -21.32 -12.16
N CYS B 297 -0.47 -21.91 -12.89
CA CYS B 297 -0.73 -23.34 -12.86
C CYS B 297 -0.56 -23.91 -14.24
N ILE B 298 0.20 -25.02 -14.33
CA ILE B 298 0.39 -25.70 -15.61
C ILE B 298 -0.13 -27.13 -15.47
N VAL B 299 -1.17 -27.46 -16.25
CA VAL B 299 -1.68 -28.84 -16.22
C VAL B 299 -1.14 -29.56 -17.46
N TYR B 300 -0.49 -30.72 -17.27
CA TYR B 300 0.06 -31.56 -18.36
C TYR B 300 -0.86 -32.67 -18.85
N TYR B 301 -0.87 -32.93 -20.16
CA TYR B 301 -1.70 -34.00 -20.74
C TYR B 301 -0.90 -34.78 -21.78
N LYS B 302 -1.39 -35.96 -22.12
CA LYS B 302 -0.68 -36.88 -22.98
C LYS B 302 -0.55 -36.28 -24.39
N GLU B 303 -1.58 -35.55 -24.87
CA GLU B 303 -1.54 -34.86 -26.17
C GLU B 303 -2.20 -33.49 -26.06
N PRO B 304 -1.97 -32.59 -27.04
CA PRO B 304 -2.77 -31.32 -27.13
C PRO B 304 -4.15 -31.56 -27.74
N PHE B 305 -4.99 -32.29 -26.99
CA PHE B 305 -6.25 -32.80 -27.50
C PHE B 305 -7.17 -31.68 -27.95
N TRP B 306 -7.06 -30.50 -27.32
CA TRP B 306 -7.86 -29.33 -27.73
C TRP B 306 -7.68 -28.92 -29.21
N ARG B 307 -6.50 -29.13 -29.76
CA ARG B 307 -6.23 -28.84 -31.17
C ARG B 307 -7.11 -29.63 -32.14
N LYS B 308 -7.54 -30.81 -31.70
CA LYS B 308 -8.33 -31.74 -32.54
C LYS B 308 -9.72 -31.23 -32.77
N LYS B 309 -10.20 -30.40 -31.85
CA LYS B 309 -11.47 -29.75 -31.96
C LYS B 309 -11.36 -28.30 -32.48
N ASP B 310 -10.19 -28.00 -33.07
CA ASP B 310 -9.90 -26.69 -33.59
C ASP B 310 -9.97 -25.63 -32.44
N TYR B 311 -9.48 -25.95 -31.26
CA TYR B 311 -9.22 -24.93 -30.20
C TYR B 311 -7.71 -24.78 -30.04
N CYS B 312 -7.19 -23.55 -29.85
CA CYS B 312 -5.77 -23.41 -29.76
C CYS B 312 -5.27 -23.60 -28.35
N GLY B 313 -6.20 -23.51 -27.38
CA GLY B 313 -5.86 -23.66 -25.97
C GLY B 313 -6.03 -22.40 -25.16
N THR B 314 -6.29 -21.29 -25.87
CA THR B 314 -6.52 -20.00 -25.22
C THR B 314 -7.98 -19.91 -24.83
N MET B 315 -8.21 -19.67 -23.55
CA MET B 315 -9.53 -19.55 -23.01
C MET B 315 -9.61 -18.25 -22.24
N ILE B 316 -10.69 -17.50 -22.49
CA ILE B 316 -11.02 -16.30 -21.70
C ILE B 316 -12.29 -16.67 -20.99
N ILE B 317 -12.21 -16.77 -19.66
CA ILE B 317 -13.24 -17.45 -18.90
C ILE B 317 -13.78 -16.54 -17.86
N ASP B 318 -15.05 -16.17 -18.08
CA ASP B 318 -15.74 -15.21 -17.27
C ASP B 318 -16.32 -15.81 -16.03
N GLY B 319 -16.42 -15.01 -14.97
CA GLY B 319 -17.22 -15.41 -13.82
C GLY B 319 -16.47 -15.71 -12.57
N GLU B 320 -17.18 -15.54 -11.47
CA GLU B 320 -16.59 -15.71 -10.15
C GLU B 320 -16.26 -17.16 -9.88
N GLU B 321 -17.06 -18.05 -10.45
CA GLU B 321 -16.97 -19.46 -10.12
C GLU B 321 -15.69 -20.09 -10.71
N ALA B 322 -15.25 -19.62 -11.87
CA ALA B 322 -14.03 -20.16 -12.49
C ALA B 322 -12.74 -19.82 -11.70
N PRO B 323 -11.98 -20.84 -11.27
CA PRO B 323 -10.66 -20.56 -10.64
C PRO B 323 -9.71 -19.73 -11.51
N VAL B 324 -9.66 -20.09 -12.80
CA VAL B 324 -8.70 -19.55 -13.74
C VAL B 324 -9.44 -18.70 -14.75
N ALA B 325 -9.00 -17.47 -14.99
CA ALA B 325 -9.75 -16.66 -15.97
C ALA B 325 -9.17 -16.57 -17.35
N TYR B 326 -7.94 -17.07 -17.50
CA TYR B 326 -7.23 -16.97 -18.73
C TYR B 326 -6.22 -18.10 -18.86
N THR B 327 -6.13 -18.69 -20.04
CA THR B 327 -5.22 -19.77 -20.27
C THR B 327 -4.63 -19.61 -21.64
N LEU B 328 -3.48 -20.25 -21.78
CA LEU B 328 -2.73 -20.42 -23.00
C LEU B 328 -2.21 -21.88 -23.12
N ASP B 329 -2.09 -22.32 -24.35
CA ASP B 329 -1.39 -23.56 -24.68
C ASP B 329 0.07 -23.42 -24.25
N ASP B 330 0.52 -24.31 -23.37
CA ASP B 330 1.92 -24.37 -22.95
C ASP B 330 2.68 -25.57 -23.56
N THR B 331 2.17 -26.17 -24.65
CA THR B 331 2.84 -27.31 -25.31
C THR B 331 4.21 -26.89 -25.89
N LYS B 332 5.26 -27.71 -25.68
CA LYS B 332 6.60 -27.44 -26.30
C LYS B 332 6.44 -27.31 -27.80
N PRO B 333 7.34 -26.56 -28.49
CA PRO B 333 7.21 -26.34 -29.96
C PRO B 333 7.19 -27.65 -30.70
N GLU B 334 7.86 -28.65 -30.13
CA GLU B 334 7.98 -29.98 -30.74
C GLU B 334 6.63 -30.69 -30.79
N GLY B 335 5.66 -30.16 -30.03
CA GLY B 335 4.31 -30.80 -29.95
C GLY B 335 4.16 -31.75 -28.78
N ASN B 336 5.24 -31.92 -28.03
CA ASN B 336 5.19 -32.80 -26.86
C ASN B 336 5.13 -32.01 -25.55
N TYR B 337 5.06 -32.73 -24.43
CA TYR B 337 4.75 -32.18 -23.14
C TYR B 337 3.51 -31.27 -23.25
N ALA B 338 2.41 -31.80 -23.79
CA ALA B 338 1.14 -31.05 -23.92
C ALA B 338 0.70 -30.51 -22.58
N ALA B 339 0.34 -29.24 -22.56
CA ALA B 339 0.08 -28.56 -21.30
C ALA B 339 -0.81 -27.35 -21.57
N ILE B 340 -1.65 -27.06 -20.59
CA ILE B 340 -2.41 -25.81 -20.55
C ILE B 340 -1.86 -24.95 -19.38
N MET B 341 -1.51 -23.72 -19.71
CA MET B 341 -1.07 -22.76 -18.70
C MET B 341 -2.28 -21.90 -18.36
N GLY B 342 -2.63 -21.83 -17.07
CA GLY B 342 -3.64 -20.84 -16.62
C GLY B 342 -3.22 -20.02 -15.42
N PHE B 343 -3.81 -18.83 -15.23
CA PHE B 343 -3.48 -17.97 -14.08
C PHE B 343 -4.64 -17.87 -13.11
N ILE B 344 -4.40 -18.06 -11.81
CA ILE B 344 -5.42 -17.86 -10.82
C ILE B 344 -5.18 -16.45 -10.29
N LEU B 345 -6.10 -15.52 -10.59
CA LEU B 345 -5.81 -14.07 -10.55
C LEU B 345 -6.36 -13.35 -9.33
N ALA B 346 -5.51 -12.52 -8.73
CA ALA B 346 -6.00 -11.52 -7.73
C ALA B 346 -6.75 -12.18 -6.55
N HIS B 347 -7.99 -11.81 -6.24
CA HIS B 347 -8.59 -12.37 -5.04
C HIS B 347 -8.76 -13.91 -5.11
N LYS B 348 -8.82 -14.47 -6.33
CA LYS B 348 -8.92 -15.93 -6.44
C LYS B 348 -7.65 -16.60 -5.92
N ALA B 349 -6.56 -15.88 -5.97
CA ALA B 349 -5.29 -16.47 -5.62
C ALA B 349 -5.23 -16.48 -4.09
N ARG B 350 -5.72 -15.42 -3.48
CA ARG B 350 -5.96 -15.42 -2.05
C ARG B 350 -6.98 -16.51 -1.64
N LYS B 351 -8.11 -16.60 -2.34
CA LYS B 351 -9.17 -17.60 -2.02
C LYS B 351 -8.76 -19.07 -2.14
N LEU B 352 -7.99 -19.40 -3.18
CA LEU B 352 -7.80 -20.78 -3.54
C LEU B 352 -6.48 -21.35 -3.02
N ALA B 353 -5.65 -20.49 -2.45
CA ALA B 353 -4.39 -20.88 -1.80
C ALA B 353 -4.57 -21.72 -0.55
N ARG B 354 -5.68 -21.55 0.16
CA ARG B 354 -6.04 -22.40 1.28
C ARG B 354 -6.24 -23.89 0.91
N LEU B 355 -6.43 -24.17 -0.38
CA LEU B 355 -6.68 -25.54 -0.85
C LEU B 355 -5.38 -26.27 -0.97
N THR B 356 -5.41 -27.59 -1.05
CA THR B 356 -4.20 -28.33 -1.39
C THR B 356 -3.95 -28.24 -2.91
N LYS B 357 -2.71 -28.53 -3.28
CA LYS B 357 -2.28 -28.66 -4.66
C LYS B 357 -3.17 -29.62 -5.46
N GLU B 358 -3.54 -30.76 -4.87
CA GLU B 358 -4.40 -31.74 -5.58
C GLU B 358 -5.79 -31.20 -5.80
N GLU B 359 -6.30 -30.46 -4.81
CA GLU B 359 -7.59 -29.83 -4.90
C GLU B 359 -7.67 -28.77 -6.00
N ARG B 360 -6.64 -27.92 -6.11
CA ARG B 360 -6.56 -26.97 -7.19
C ARG B 360 -6.48 -27.66 -8.54
N LEU B 361 -5.68 -28.72 -8.64
CA LEU B 361 -5.60 -29.49 -9.88
C LEU B 361 -6.97 -29.98 -10.37
N LYS B 362 -7.74 -30.51 -9.42
CA LYS B 362 -9.03 -31.06 -9.72
C LYS B 362 -10.01 -29.98 -10.18
N LYS B 363 -9.97 -28.82 -9.51
CA LYS B 363 -10.82 -27.67 -9.90
C LYS B 363 -10.44 -27.15 -11.27
N LEU B 364 -9.14 -27.15 -11.60
CA LEU B 364 -8.68 -26.71 -12.93
C LEU B 364 -9.10 -27.66 -14.04
N CYS B 365 -8.98 -28.96 -13.78
CA CYS B 365 -9.34 -29.99 -14.77
C CYS B 365 -10.83 -30.01 -15.06
N GLU B 366 -11.66 -29.88 -14.02
CA GLU B 366 -13.12 -29.81 -14.21
C GLU B 366 -13.50 -28.57 -14.99
N LEU B 367 -12.91 -27.41 -14.63
CA LEU B 367 -13.08 -26.20 -15.43
C LEU B 367 -12.68 -26.35 -16.93
N TYR B 368 -11.50 -26.87 -17.18
CA TYR B 368 -11.07 -27.00 -18.55
C TYR B 368 -11.89 -28.02 -19.29
N ALA B 369 -12.37 -29.06 -18.60
CA ALA B 369 -13.22 -30.07 -19.26
C ALA B 369 -14.47 -29.39 -19.75
N LYS B 370 -15.03 -28.50 -18.92
CA LYS B 370 -16.26 -27.76 -19.27
C LYS B 370 -16.01 -26.76 -20.40
N VAL B 371 -14.90 -26.00 -20.34
CA VAL B 371 -14.66 -24.97 -21.38
C VAL B 371 -14.22 -25.55 -22.74
N LEU B 372 -13.40 -26.57 -22.67
CA LEU B 372 -12.93 -27.23 -23.87
C LEU B 372 -13.95 -28.25 -24.31
N GLY B 373 -14.92 -28.57 -23.47
CA GLY B 373 -15.92 -29.57 -23.77
C GLY B 373 -15.21 -30.89 -24.08
N SER B 374 -14.26 -31.27 -23.24
CA SER B 374 -13.57 -32.51 -23.45
C SER B 374 -13.33 -33.25 -22.15
N LEU B 375 -13.78 -34.50 -22.11
CA LEU B 375 -13.45 -35.40 -21.00
C LEU B 375 -11.96 -35.64 -20.82
N GLU B 376 -11.17 -35.41 -21.84
CA GLU B 376 -9.77 -35.70 -21.77
C GLU B 376 -9.12 -34.75 -20.82
N ALA B 377 -9.76 -33.64 -20.53
CA ALA B 377 -9.22 -32.66 -19.57
C ALA B 377 -9.21 -33.16 -18.13
N LEU B 378 -9.90 -34.27 -17.89
CA LEU B 378 -10.01 -34.81 -16.59
C LEU B 378 -8.93 -35.84 -16.32
N GLU B 379 -8.05 -36.08 -17.32
CA GLU B 379 -6.94 -37.04 -17.22
C GLU B 379 -5.58 -36.41 -17.32
N PRO B 380 -5.21 -35.62 -16.28
CA PRO B 380 -3.94 -34.92 -16.34
C PRO B 380 -2.83 -35.95 -16.06
N VAL B 381 -1.65 -35.78 -16.65
CA VAL B 381 -0.53 -36.68 -16.38
C VAL B 381 0.45 -36.07 -15.38
N HIS B 382 0.23 -34.82 -15.02
CA HIS B 382 1.20 -34.03 -14.23
C HIS B 382 0.69 -32.60 -14.05
N TYR B 383 1.29 -31.91 -13.10
CA TYR B 383 0.79 -30.61 -12.73
C TYR B 383 1.93 -29.89 -12.11
N GLU B 384 2.15 -28.65 -12.51
CA GLU B 384 3.08 -27.78 -11.78
C GLU B 384 2.37 -26.42 -11.48
N GLU B 385 2.73 -25.77 -10.37
CA GLU B 385 2.12 -24.48 -10.02
C GLU B 385 3.02 -23.63 -9.13
N LYS B 386 2.85 -22.30 -9.19
CA LYS B 386 3.62 -21.40 -8.30
C LYS B 386 2.77 -20.22 -7.79
N ASN B 387 2.66 -20.17 -6.47
CA ASN B 387 1.93 -19.10 -5.85
C ASN B 387 2.90 -18.01 -5.47
N TRP B 388 2.96 -16.95 -6.28
CA TRP B 388 3.89 -15.86 -6.06
C TRP B 388 3.57 -14.99 -4.83
N CYS B 389 2.34 -15.05 -4.32
CA CYS B 389 1.98 -14.34 -3.13
C CYS B 389 2.87 -14.75 -1.96
N GLU B 390 3.48 -15.92 -2.04
CA GLU B 390 4.16 -16.37 -0.84
C GLU B 390 5.63 -16.01 -0.78
N GLU B 391 6.13 -15.35 -1.83
CA GLU B 391 7.56 -15.10 -1.96
C GLU B 391 8.01 -13.87 -1.13
N GLN B 392 8.80 -14.07 -0.11
CA GLN B 392 9.34 -12.95 0.69
C GLN B 392 10.16 -11.98 -0.20
N TYR B 393 10.88 -12.50 -1.18
CA TYR B 393 11.74 -11.60 -1.97
C TYR B 393 11.19 -11.21 -3.36
N SER B 394 9.93 -11.48 -3.59
CA SER B 394 9.22 -10.87 -4.72
C SER B 394 8.11 -9.96 -4.19
N GLY B 395 7.31 -10.45 -3.23
CA GLY B 395 6.08 -9.79 -2.78
C GLY B 395 4.78 -10.06 -3.55
N GLY B 396 4.87 -10.77 -4.67
CA GLY B 396 3.72 -11.08 -5.52
C GLY B 396 4.18 -11.11 -6.97
N CYS B 397 3.24 -11.02 -7.89
CA CYS B 397 3.53 -10.93 -9.30
C CYS B 397 2.27 -10.42 -9.98
N TYR B 398 2.38 -9.85 -11.18
CA TYR B 398 3.58 -9.77 -11.95
C TYR B 398 4.48 -8.67 -11.43
N THR B 399 3.83 -7.61 -11.01
CA THR B 399 4.48 -6.36 -10.78
C THR B 399 3.75 -5.51 -9.77
N THR B 400 4.35 -4.35 -9.51
CA THR B 400 3.86 -3.39 -8.55
C THR B 400 2.68 -2.62 -9.13
N TYR B 401 1.55 -2.56 -8.41
CA TYR B 401 0.46 -1.70 -8.84
C TYR B 401 0.33 -0.50 -7.91
N PHE B 402 -0.31 0.57 -8.37
CA PHE B 402 -0.46 1.82 -7.62
C PHE B 402 -1.90 1.97 -7.26
N PRO B 403 -2.19 1.98 -5.94
CA PRO B 403 -3.57 2.30 -5.48
C PRO B 403 -3.94 3.76 -5.79
N PRO B 404 -5.24 4.11 -5.67
CA PRO B 404 -5.61 5.52 -5.98
C PRO B 404 -4.86 6.58 -5.18
N GLY B 405 -4.45 7.67 -5.86
CA GLY B 405 -3.72 8.78 -5.23
C GLY B 405 -2.19 8.67 -5.21
N ILE B 406 -1.61 7.50 -5.45
CA ILE B 406 -0.17 7.30 -5.16
C ILE B 406 0.77 7.73 -6.29
N LEU B 407 0.41 7.36 -7.52
CA LEU B 407 1.24 7.71 -8.68
C LEU B 407 1.43 9.22 -8.88
N THR B 408 0.35 10.02 -8.81
CA THR B 408 0.52 11.50 -8.85
C THR B 408 1.34 12.04 -7.69
N GLN B 409 1.13 11.53 -6.50
CA GLN B 409 1.85 12.00 -5.30
C GLN B 409 3.32 11.56 -5.12
N TYR B 410 3.65 10.32 -5.52
CA TYR B 410 4.98 9.72 -5.29
C TYR B 410 5.61 9.17 -6.56
N GLY B 411 4.89 9.16 -7.68
CA GLY B 411 5.47 8.54 -8.93
C GLY B 411 6.86 9.09 -9.29
N ARG B 412 7.07 10.37 -9.08
CA ARG B 412 8.31 10.98 -9.50
C ARG B 412 9.52 10.39 -8.75
N VAL B 413 9.33 9.87 -7.53
CA VAL B 413 10.51 9.49 -6.77
C VAL B 413 11.05 8.13 -7.24
N LEU B 414 10.19 7.34 -7.88
CA LEU B 414 10.51 5.96 -8.24
C LEU B 414 11.89 5.81 -8.84
N ARG B 415 12.23 6.64 -9.81
CA ARG B 415 13.55 6.49 -10.30
C ARG B 415 14.59 7.58 -9.97
N GLN B 416 14.27 8.38 -8.95
CA GLN B 416 15.16 9.45 -8.55
C GLN B 416 16.29 8.89 -7.72
N PRO B 417 17.52 9.22 -8.08
CA PRO B 417 18.70 8.67 -7.40
C PRO B 417 18.69 9.13 -5.94
N VAL B 418 19.10 8.27 -5.01
CA VAL B 418 19.21 8.75 -3.62
C VAL B 418 20.69 8.77 -3.25
N ASP B 419 21.33 9.93 -3.48
CA ASP B 419 22.81 10.14 -3.32
C ASP B 419 23.58 9.28 -4.31
N ARG B 420 24.07 8.10 -3.89
CA ARG B 420 24.86 7.24 -4.77
C ARG B 420 24.10 5.93 -5.09
N ILE B 421 22.81 5.88 -4.74
CA ILE B 421 21.99 4.72 -5.06
C ILE B 421 21.13 5.05 -6.25
N TYR B 422 21.28 4.26 -7.33
CA TYR B 422 20.45 4.39 -8.51
C TYR B 422 19.41 3.26 -8.57
N PHE B 423 18.29 3.53 -9.26
CA PHE B 423 17.14 2.61 -9.25
C PHE B 423 16.77 1.90 -10.54
N ALA B 424 16.85 0.58 -10.49
CA ALA B 424 16.54 -0.25 -11.65
C ALA B 424 15.30 -1.07 -11.31
N GLY B 425 15.09 -2.24 -11.90
CA GLY B 425 13.90 -2.99 -11.60
C GLY B 425 12.84 -2.60 -12.59
N THR B 426 12.02 -3.55 -13.03
CA THR B 426 11.06 -3.29 -14.09
C THR B 426 10.05 -2.17 -13.75
N GLU B 427 9.79 -1.95 -12.49
CA GLU B 427 8.91 -0.88 -12.07
C GLU B 427 9.36 0.52 -12.57
N THR B 428 10.67 0.70 -12.75
CA THR B 428 11.16 2.02 -13.13
C THR B 428 11.33 2.19 -14.65
N ALA B 429 10.85 1.26 -15.42
CA ALA B 429 10.91 1.36 -16.90
C ALA B 429 9.86 2.30 -17.49
N THR B 430 10.07 2.70 -18.73
CA THR B 430 9.10 3.55 -19.39
C THR B 430 8.37 2.84 -20.53
N HIS B 431 8.85 1.66 -20.94
CA HIS B 431 8.19 0.88 -21.97
C HIS B 431 8.17 -0.59 -21.51
N TRP B 432 6.98 -1.18 -21.36
CA TRP B 432 6.83 -2.57 -20.87
C TRP B 432 7.34 -2.70 -19.47
N SER B 433 7.20 -1.61 -18.71
CA SER B 433 7.39 -1.71 -17.31
C SER B 433 6.43 -2.77 -16.86
N GLY B 434 6.90 -3.62 -15.96
CA GLY B 434 6.08 -4.71 -15.42
C GLY B 434 6.55 -6.04 -15.99
N TYR B 435 7.29 -5.98 -17.08
CA TYR B 435 7.74 -7.12 -17.91
C TYR B 435 9.25 -7.30 -17.91
N MET B 436 9.70 -8.46 -18.36
CA MET B 436 11.14 -8.68 -18.58
C MET B 436 11.77 -7.59 -19.44
N GLU B 437 11.03 -7.13 -20.47
CA GLU B 437 11.52 -6.01 -21.29
C GLU B 437 11.82 -4.76 -20.43
N GLY B 438 10.92 -4.41 -19.50
CA GLY B 438 11.18 -3.23 -18.68
C GLY B 438 12.33 -3.41 -17.72
N ALA B 439 12.53 -4.64 -17.28
CA ALA B 439 13.60 -4.96 -16.40
C ALA B 439 14.98 -4.62 -17.03
N VAL B 440 15.16 -5.09 -18.26
CA VAL B 440 16.30 -4.75 -19.13
C VAL B 440 16.46 -3.23 -19.33
N GLU B 441 15.39 -2.54 -19.70
CA GLU B 441 15.48 -1.15 -20.01
C GLU B 441 15.98 -0.41 -18.78
N ALA B 442 15.39 -0.76 -17.65
CA ALA B 442 15.66 -0.15 -16.38
C ALA B 442 17.04 -0.48 -15.83
N GLY B 443 17.47 -1.73 -16.03
CA GLY B 443 18.82 -2.14 -15.60
C GLY B 443 19.94 -1.41 -16.36
N GLU B 444 19.80 -1.37 -17.68
CA GLU B 444 20.73 -0.68 -18.54
C GLU B 444 20.74 0.84 -18.35
N ARG B 445 19.55 1.45 -18.20
CA ARG B 445 19.46 2.90 -17.98
C ARG B 445 20.15 3.21 -16.65
N ALA B 446 19.85 2.43 -15.62
CA ALA B 446 20.40 2.74 -14.30
C ALA B 446 21.89 2.48 -14.33
N ALA B 447 22.34 1.42 -15.04
CA ALA B 447 23.79 1.23 -15.27
C ALA B 447 24.46 2.46 -15.98
N ARG B 448 23.77 3.03 -16.96
CA ARG B 448 24.30 4.17 -17.72
C ARG B 448 24.27 5.49 -16.96
N GLU B 449 23.32 5.67 -16.04
CA GLU B 449 23.32 6.80 -15.10
C GLU B 449 24.63 6.75 -14.29
N ILE B 450 24.97 5.59 -13.76
CA ILE B 450 26.26 5.49 -13.07
C ILE B 450 27.49 5.80 -13.93
N LEU B 451 27.55 5.21 -15.12
CA LEU B 451 28.61 5.54 -16.06
C LEU B 451 28.71 7.05 -16.31
N HIS B 452 27.57 7.72 -16.48
CA HIS B 452 27.59 9.17 -16.63
C HIS B 452 28.04 9.87 -15.34
N ALA B 453 27.56 9.41 -14.18
CA ALA B 453 28.05 9.95 -12.90
C ALA B 453 29.57 9.76 -12.75
N MET B 454 30.12 8.67 -13.26
CA MET B 454 31.57 8.47 -13.24
C MET B 454 32.32 9.30 -14.28
N GLY B 455 31.61 10.00 -15.15
CA GLY B 455 32.17 10.75 -16.28
C GLY B 455 32.51 9.92 -17.51
N LYS B 456 32.01 8.68 -17.59
CA LYS B 456 32.34 7.80 -18.73
C LYS B 456 31.53 8.05 -20.02
N ILE B 457 30.31 8.59 -19.90
CA ILE B 457 29.50 8.82 -21.10
C ILE B 457 28.79 10.16 -20.93
N PRO B 458 28.39 10.80 -22.05
CA PRO B 458 27.67 12.05 -21.88
C PRO B 458 26.27 11.79 -21.34
N GLU B 459 25.62 12.85 -20.88
CA GLU B 459 24.25 12.76 -20.37
C GLU B 459 23.23 12.21 -21.36
N ASP B 460 23.39 12.51 -22.65
CA ASP B 460 22.43 12.03 -23.64
C ASP B 460 22.57 10.54 -23.97
N GLU B 461 23.55 9.86 -23.38
CA GLU B 461 23.67 8.43 -23.63
C GLU B 461 23.03 7.58 -22.54
N ILE B 462 22.45 8.22 -21.49
CA ILE B 462 21.79 7.49 -20.39
C ILE B 462 20.54 6.68 -20.84
N TRP B 463 19.69 7.31 -21.64
CA TRP B 463 18.53 6.69 -22.23
C TRP B 463 18.83 6.40 -23.70
N GLN B 464 18.73 5.13 -24.08
CA GLN B 464 19.10 4.70 -25.41
C GLN B 464 17.95 3.91 -26.06
N SER B 465 17.63 4.26 -27.30
CA SER B 465 16.62 3.57 -28.10
C SER B 465 17.22 2.24 -28.55
N GLU B 466 16.36 1.30 -28.92
CA GLU B 466 16.76 -0.07 -29.22
C GLU B 466 16.28 -0.38 -30.62
N PRO B 467 17.20 -0.76 -31.50
CA PRO B 467 16.89 -1.18 -32.88
C PRO B 467 15.88 -2.37 -32.82
N GLU B 468 14.91 -2.37 -33.71
CA GLU B 468 13.90 -3.44 -33.75
C GLU B 468 14.53 -4.84 -33.98
N SER B 469 14.04 -5.85 -33.25
CA SER B 469 14.57 -7.20 -33.42
C SER B 469 14.33 -7.68 -34.88
N VAL B 470 15.35 -8.27 -35.52
CA VAL B 470 15.12 -8.84 -36.87
C VAL B 470 14.19 -10.06 -36.81
N ASP B 471 14.32 -10.86 -35.76
CA ASP B 471 13.59 -12.10 -35.55
C ASP B 471 12.12 -11.90 -35.20
N VAL B 472 11.82 -10.85 -34.42
CA VAL B 472 10.48 -10.65 -33.92
C VAL B 472 10.02 -9.24 -34.34
N PRO B 473 9.88 -9.03 -35.66
CA PRO B 473 9.45 -7.69 -36.11
C PRO B 473 7.98 -7.38 -35.70
N ALA B 474 7.71 -6.13 -35.37
CA ALA B 474 6.36 -5.73 -35.00
C ALA B 474 5.56 -5.31 -36.24
N GLN B 475 4.31 -5.73 -36.33
CA GLN B 475 3.37 -5.18 -37.31
C GLN B 475 2.56 -4.04 -36.69
N PRO B 476 2.15 -3.06 -37.53
CA PRO B 476 1.40 -1.92 -36.93
C PRO B 476 0.09 -2.41 -36.31
N ILE B 477 -0.38 -1.70 -35.29
CA ILE B 477 -1.71 -1.91 -34.72
C ILE B 477 -2.67 -1.10 -35.59
N THR B 478 -3.67 -1.74 -36.16
CA THR B 478 -4.64 -0.99 -36.96
C THR B 478 -6.04 -0.96 -36.33
N THR B 479 -6.86 0.01 -36.73
CA THR B 479 -8.28 0.01 -36.42
C THR B 479 -9.10 0.23 -37.70
N THR B 480 -10.40 -0.01 -37.62
CA THR B 480 -11.28 0.23 -38.78
C THR B 480 -12.02 1.56 -38.60
N PHE B 481 -12.48 2.10 -39.71
CA PHE B 481 -13.37 3.26 -39.73
C PHE B 481 -14.50 3.14 -38.68
N LEU B 482 -15.29 2.07 -38.76
CA LEU B 482 -16.35 1.81 -37.81
C LEU B 482 -15.86 1.84 -36.33
N GLU B 483 -14.76 1.15 -36.04
CA GLU B 483 -14.22 1.13 -34.68
C GLU B 483 -13.88 2.54 -34.17
N ARG B 484 -13.24 3.36 -35.02
CA ARG B 484 -12.94 4.75 -34.67
C ARG B 484 -14.19 5.65 -34.46
N HIS B 485 -15.27 5.37 -35.21
CA HIS B 485 -16.38 6.35 -35.36
C HIS B 485 -17.75 5.87 -34.93
N LEU B 486 -17.92 4.57 -34.69
CA LEU B 486 -19.17 4.18 -34.08
C LEU B 486 -19.39 4.99 -32.79
N PRO B 487 -20.64 5.32 -32.48
CA PRO B 487 -20.84 6.08 -31.23
C PRO B 487 -20.82 5.18 -29.98
N SER B 488 -20.62 5.76 -28.80
CA SER B 488 -20.82 5.06 -27.55
C SER B 488 -22.30 4.85 -27.31
N VAL B 489 -22.67 4.15 -26.22
CA VAL B 489 -24.06 4.05 -25.83
C VAL B 489 -24.72 5.43 -25.55
N PRO B 490 -24.15 6.26 -24.64
CA PRO B 490 -24.76 7.59 -24.46
C PRO B 490 -24.73 8.48 -25.72
N GLY B 491 -23.76 8.27 -26.61
CA GLY B 491 -23.66 9.01 -27.87
C GLY B 491 -24.69 8.56 -28.89
N LEU B 492 -25.13 7.31 -28.75
CA LEU B 492 -26.25 6.82 -29.50
C LEU B 492 -27.56 7.29 -28.86
N LEU B 493 -27.53 7.56 -27.54
CA LEU B 493 -28.71 8.16 -26.86
C LEU B 493 -28.89 9.64 -27.20
N ARG B 494 -27.80 10.43 -27.13
CA ARG B 494 -27.77 11.83 -27.55
C ARG B 494 -28.12 12.01 -29.05
N LEU B 495 -28.09 10.93 -29.81
CA LEU B 495 -28.46 10.95 -31.23
C LEU B 495 -29.92 10.54 -31.49
N ILE B 496 -30.64 10.19 -30.42
CA ILE B 496 -32.04 9.76 -30.48
C ILE B 496 -33.01 10.88 -30.06
PA FA8 C . 4.83 3.12 17.79
O1A FA8 C . 4.97 3.46 16.34
O2A FA8 C . 4.55 4.31 18.69
O5B FA8 C . 6.02 2.21 18.40
C5B FA8 C . 6.80 1.34 17.60
C4B FA8 C . 8.26 1.32 18.07
O4B FA8 C . 8.94 0.36 17.27
C3B FA8 C . 8.99 2.61 17.82
O3B FA8 C . 9.70 2.96 19.00
C2B FA8 C . 9.96 2.30 16.68
O2B FA8 C . 11.14 3.09 16.80
C1B FA8 C . 10.21 0.82 16.89
N9A FA8 C . 10.64 0.02 15.72
C8A FA8 C . 10.24 0.15 14.41
N7A FA8 C . 10.86 -0.80 13.68
C5A FA8 C . 11.64 -1.54 14.50
C6A FA8 C . 12.53 -2.60 14.30
N6A FA8 C . 12.59 -3.16 13.11
N1A FA8 C . 13.21 -3.13 15.39
C2A FA8 C . 13.06 -2.62 16.64
N3A FA8 C . 12.20 -1.56 16.82
C4A FA8 C . 11.52 -1.02 15.78
N1 FA8 C . -2.82 9.23 19.48
C2 FA8 C . -3.55 9.72 20.52
O2 FA8 C . -4.05 8.93 21.30
N3 FA8 C . -3.78 11.08 20.66
C4 FA8 C . -3.19 11.92 19.75
O4 FA8 C . -3.36 13.10 19.94
C4X FA8 C . -2.75 11.45 18.50
N5 FA8 C . -2.28 12.30 17.47
C5X FA8 C . -1.14 11.93 16.78
C6 FA8 C . -0.37 12.91 16.16
C7 FA8 C . 0.83 12.54 15.54
C7M FA8 C . 1.53 13.64 14.82
C8 FA8 C . 1.28 11.20 15.53
C8M FA8 C . 2.54 10.66 14.87
C9 FA8 C . 0.50 10.26 16.17
C9A FA8 C . -0.71 10.59 16.77
N10 FA8 C . -1.46 9.61 17.48
C10 FA8 C . -2.25 10.05 18.54
C1' FA8 C . -1.15 8.17 17.31
C2' FA8 C . -0.22 7.70 18.44
O2' FA8 C . 1.03 8.43 18.49
C3' FA8 C . 0.06 6.23 18.16
O3' FA8 C . -1.13 5.52 18.02
C4' FA8 C . 0.88 5.54 19.25
O4' FA8 C . 2.02 6.32 19.50
C5' FA8 C . 1.36 4.24 18.62
O5' FA8 C . 1.99 3.38 19.58
P FA8 C . 2.56 1.93 19.13
O1P FA8 C . 3.43 1.40 20.27
O3P FA8 C . 3.48 2.07 17.99
O2P FA8 C . 1.48 1.02 18.62
C 3PL D . -5.74 10.07 15.65
O 3PL D . -6.29 9.12 15.09
CA 3PL D . -4.64 9.82 16.72
CB 3PL D . -4.06 11.07 17.40
CG 3PL D . -5.02 12.30 17.36
CD1 3PL D . -5.98 12.50 18.36
CE1 3PL D . -6.80 13.62 18.32
CZ 3PL D . -6.66 14.56 17.27
CE2 3PL D . -5.70 14.36 16.27
CD2 3PL D . -4.87 13.23 16.34
CAE XCG E . -15.59 18.97 14.00
CAM XCG E . -15.23 18.72 12.73
CAC XCG E . -15.95 18.32 11.61
CAA XCG E . -15.29 18.13 10.41
CAB XCG E . -13.93 18.37 10.32
CAD XCG E . -13.19 18.77 11.44
CAN XCG E . -13.85 18.95 12.64
OAJ XCG E . -13.42 19.34 13.89
CAL XCG E . -14.53 19.34 14.72
CAK XCG E . -14.49 19.69 16.08
NAH XCG E . -15.56 19.64 16.91
CAF XCG E . -15.21 20.10 18.25
CAG XCG E . -13.72 20.46 18.13
NAI XCG E . -13.40 20.16 16.73
PA FAD F . 12.86 -9.23 -9.88
O1A FAD F . 11.75 -9.29 -8.89
O2A FAD F . 12.74 -10.39 -10.90
O5B FAD F . 14.32 -9.34 -9.23
C5B FAD F . 14.62 -8.79 -7.95
C4B FAD F . 15.66 -9.70 -7.33
O4B FAD F . 15.89 -9.10 -6.09
C3B FAD F . 15.12 -11.11 -6.98
O3B FAD F . 15.98 -12.17 -7.37
C2B FAD F . 14.97 -11.05 -5.47
O2B FAD F . 15.15 -12.28 -4.78
C1B FAD F . 16.06 -10.09 -5.11
N9A FAD F . 15.97 -9.42 -3.80
C8A FAD F . 14.84 -8.93 -3.18
N7A FAD F . 15.26 -8.32 -2.06
C5A FAD F . 16.60 -8.44 -1.96
C6A FAD F . 17.55 -8.01 -1.02
N6A FAD F . 17.12 -7.67 0.19
N1A FAD F . 18.91 -8.21 -1.25
C2A FAD F . 19.35 -8.89 -2.36
N3A FAD F . 18.44 -9.31 -3.28
C4A FAD F . 17.07 -9.10 -3.08
N1 FAD F . 6.90 -10.57 -17.71
C2 FAD F . 7.07 -10.81 -19.08
O2 FAD F . 7.88 -10.16 -19.71
N3 FAD F . 6.36 -11.83 -19.68
C4 FAD F . 5.35 -12.50 -18.95
O4 FAD F . 5.01 -13.65 -19.21
C4X FAD F . 4.97 -12.10 -17.63
N5 FAD F . 4.22 -12.89 -16.80
C5X FAD F . 4.44 -13.15 -15.47
C6 FAD F . 3.84 -14.20 -14.75
C7 FAD F . 4.17 -14.43 -13.39
C7M FAD F . 3.50 -15.57 -12.66
C8 FAD F . 5.10 -13.61 -12.76
C8M FAD F . 5.57 -13.74 -11.29
C9 FAD F . 5.66 -12.59 -13.51
C9A FAD F . 5.34 -12.34 -14.85
N10 FAD F . 5.93 -11.29 -15.56
C10 FAD F . 6.07 -11.40 -16.93
C1' FAD F . 6.79 -10.33 -14.73
C2' FAD F . 8.28 -10.35 -15.13
O2' FAD F . 8.65 -11.66 -14.68
C3' FAD F . 8.99 -9.20 -14.37
O3' FAD F . 8.71 -7.92 -14.95
C4' FAD F . 10.52 -9.28 -14.26
O4' FAD F . 10.97 -10.60 -13.98
C5' FAD F . 10.99 -8.27 -13.22
O5' FAD F . 12.38 -8.40 -12.96
P FAD F . 13.20 -7.46 -11.97
O1P FAD F . 14.60 -7.77 -12.26
O2P FAD F . 12.88 -5.99 -12.19
O3P FAD F . 12.86 -7.77 -10.56
C 3PL G . 2.45 -8.63 -17.53
O 3PL G . 2.25 -7.56 -16.95
CA 3PL G . 3.49 -9.64 -17.05
CB 3PL G . 3.76 -10.88 -17.98
CG 3PL G . 2.58 -11.42 -18.83
CD1 3PL G . 2.65 -11.38 -20.24
CE1 3PL G . 1.58 -11.88 -21.00
CZ 3PL G . 0.49 -12.46 -20.37
CE2 3PL G . 0.41 -12.53 -18.98
CD2 3PL G . 1.47 -12.02 -18.22
CAE XCG H . -8.46 -10.37 -25.05
CAM XCG H . -9.01 -10.07 -23.87
CAC XCG H . -9.97 -9.13 -23.53
CAA XCG H . -10.34 -9.05 -22.19
CAB XCG H . -9.77 -9.86 -21.21
CAD XCG H . -8.78 -10.79 -21.58
CAN XCG H . -8.42 -10.89 -22.91
OAJ XCG H . -7.49 -11.66 -23.54
CAL XCG H . -7.55 -11.35 -24.87
CAK XCG H . -6.74 -11.98 -25.85
NAH XCG H . -6.67 -11.59 -27.14
CAF XCG H . -5.76 -12.45 -27.92
CAG XCG H . -5.26 -13.44 -26.91
NAI XCG H . -5.96 -13.06 -25.66
#